data_2DJW
#
_entry.id   2DJW
#
_cell.length_a   95.883
_cell.length_b   95.883
_cell.length_c   119.010
_cell.angle_alpha   90.00
_cell.angle_beta   90.00
_cell.angle_gamma   120.00
#
_symmetry.space_group_name_H-M   'P 32'
#
loop_
_entity.id
_entity.type
_entity.pdbx_description
1 polymer 'probable transcriptional regulator, AsnC family'
2 non-polymer 'ZINC ION'
3 water water
#
_entity_poly.entity_id   1
_entity_poly.type   'polypeptide(L)'
_entity_poly.pdbx_seq_one_letter_code
;MITAFVLIRPRGNRVQALGEAIAELPQVAEVYSVTGPYDLVALVRLKDVEELDDVVTQGILSLEGVERTETLLAFRAYPR
RLLDQGFALGQG
;
_entity_poly.pdbx_strand_id   A,B,C,D,E,F,G,H,I,J
#
# COMPACT_ATOMS: atom_id res chain seq x y z
N MET A 1 -2.93 8.37 -33.80
CA MET A 1 -3.57 8.93 -32.57
C MET A 1 -3.35 7.94 -31.43
N ILE A 2 -2.67 8.41 -30.38
CA ILE A 2 -2.47 7.62 -29.18
C ILE A 2 -3.60 7.88 -28.20
N THR A 3 -4.03 6.82 -27.51
CA THR A 3 -4.98 6.94 -26.41
C THR A 3 -4.30 6.83 -25.03
N ALA A 4 -4.81 7.61 -24.09
CA ALA A 4 -4.37 7.58 -22.70
C ALA A 4 -5.59 7.73 -21.79
N PHE A 5 -5.51 7.12 -20.61
CA PHE A 5 -6.57 7.23 -19.61
C PHE A 5 -5.91 8.00 -18.49
N VAL A 6 -6.39 9.23 -18.25
CA VAL A 6 -5.82 10.06 -17.17
C VAL A 6 -6.69 10.02 -15.93
N LEU A 7 -6.11 9.49 -14.86
CA LEU A 7 -6.79 9.33 -13.60
C LEU A 7 -6.47 10.57 -12.73
N ILE A 8 -7.52 11.32 -12.36
CA ILE A 8 -7.39 12.57 -11.61
C ILE A 8 -8.04 12.46 -10.22
N ARG A 9 -7.23 12.61 -9.17
CA ARG A 9 -7.73 12.77 -7.81
C ARG A 9 -7.73 14.26 -7.43
N PRO A 10 -8.92 14.88 -7.42
CA PRO A 10 -9.03 16.28 -7.01
C PRO A 10 -9.28 16.42 -5.50
N ARG A 11 -9.02 17.62 -4.98
CA ARG A 11 -9.66 18.06 -3.72
C ARG A 11 -11.17 17.85 -3.89
N GLY A 12 -11.82 17.31 -2.86
CA GLY A 12 -13.24 16.94 -2.92
C GLY A 12 -14.23 18.02 -3.33
N ASN A 13 -13.96 19.28 -2.97
CA ASN A 13 -14.83 20.42 -3.35
C ASN A 13 -14.58 20.95 -4.77
N ARG A 14 -13.51 20.45 -5.38
CA ARG A 14 -13.09 20.82 -6.72
C ARG A 14 -13.55 19.89 -7.84
N VAL A 15 -14.15 18.75 -7.47
CA VAL A 15 -14.52 17.73 -8.45
C VAL A 15 -15.19 18.29 -9.72
N GLN A 16 -16.27 19.05 -9.56
CA GLN A 16 -17.03 19.55 -10.71
C GLN A 16 -16.28 20.63 -11.49
N ALA A 17 -15.77 21.61 -10.77
CA ALA A 17 -14.86 22.60 -11.34
C ALA A 17 -13.82 21.93 -12.24
N LEU A 18 -13.02 21.03 -11.67
CA LEU A 18 -11.98 20.32 -12.46
C LEU A 18 -12.56 19.46 -13.59
N GLY A 19 -13.67 18.79 -13.31
CA GLY A 19 -14.35 18.03 -14.33
C GLY A 19 -14.59 18.89 -15.55
N GLU A 20 -15.25 20.03 -15.35
CA GLU A 20 -15.64 20.95 -16.42
C GLU A 20 -14.48 21.62 -17.14
N ALA A 21 -13.46 22.01 -16.39
CA ALA A 21 -12.21 22.53 -16.96
C ALA A 21 -11.45 21.52 -17.83
N ILE A 22 -11.36 20.26 -17.39
CA ILE A 22 -10.65 19.18 -18.13
C ILE A 22 -11.40 18.89 -19.42
N ALA A 23 -12.73 18.94 -19.36
CA ALA A 23 -13.55 18.82 -20.56
C ALA A 23 -13.25 19.88 -21.62
N GLU A 24 -12.65 21.00 -21.23
CA GLU A 24 -12.35 22.09 -22.19
C GLU A 24 -11.10 21.87 -23.05
N LEU A 25 -10.10 21.20 -22.47
CA LEU A 25 -8.84 20.85 -23.15
C LEU A 25 -9.08 20.06 -24.43
N PRO A 26 -8.50 20.52 -25.56
CA PRO A 26 -8.80 20.00 -26.89
C PRO A 26 -8.49 18.51 -27.05
N GLN A 27 -7.60 17.96 -26.23
CA GLN A 27 -7.20 16.55 -26.37
C GLN A 27 -8.15 15.57 -25.64
N VAL A 28 -9.07 16.10 -24.84
CA VAL A 28 -9.97 15.29 -24.02
C VAL A 28 -11.24 14.97 -24.79
N ALA A 29 -11.46 13.68 -25.06
CA ALA A 29 -12.65 13.23 -25.78
C ALA A 29 -13.85 12.94 -24.87
N GLU A 30 -13.55 12.56 -23.63
CA GLU A 30 -14.56 12.18 -22.65
C GLU A 30 -13.92 12.39 -21.29
N VAL A 31 -14.66 12.94 -20.34
CA VAL A 31 -14.21 13.00 -18.96
C VAL A 31 -15.39 12.75 -18.02
N TYR A 32 -15.13 12.02 -16.94
CA TYR A 32 -16.20 11.55 -16.10
C TYR A 32 -15.84 11.62 -14.66
N SER A 33 -16.87 11.81 -13.85
CA SER A 33 -16.87 11.44 -12.46
C SER A 33 -17.10 9.95 -12.38
N VAL A 34 -16.21 9.29 -11.64
CA VAL A 34 -16.23 7.83 -11.51
C VAL A 34 -16.18 7.36 -10.07
N THR A 35 -16.62 6.11 -9.84
CA THR A 35 -16.37 5.39 -8.58
C THR A 35 -14.89 5.06 -8.52
N GLY A 36 -14.37 4.76 -7.34
CA GLY A 36 -12.97 4.38 -7.24
C GLY A 36 -12.09 5.32 -6.46
N PRO A 37 -10.77 5.10 -6.54
CA PRO A 37 -9.85 5.94 -5.77
C PRO A 37 -9.50 7.29 -6.46
N TYR A 38 -9.90 7.46 -7.72
CA TYR A 38 -9.69 8.71 -8.45
C TYR A 38 -11.06 9.18 -8.88
N ASP A 39 -11.47 10.38 -8.46
CA ASP A 39 -12.83 10.89 -8.76
C ASP A 39 -13.09 11.18 -10.21
N LEU A 40 -12.06 11.55 -10.95
CA LEU A 40 -12.22 11.89 -12.37
C LEU A 40 -11.32 11.01 -13.25
N VAL A 41 -11.82 10.63 -14.42
CA VAL A 41 -11.00 9.96 -15.44
C VAL A 41 -11.16 10.75 -16.72
N ALA A 42 -10.04 11.12 -17.34
CA ALA A 42 -10.11 11.68 -18.69
C ALA A 42 -9.65 10.69 -19.77
N LEU A 43 -10.53 10.42 -20.73
CA LEU A 43 -10.14 9.72 -21.95
C LEU A 43 -9.62 10.75 -22.97
N VAL A 44 -8.31 10.70 -23.19
CA VAL A 44 -7.59 11.63 -24.03
C VAL A 44 -7.16 10.94 -25.36
N ARG A 45 -7.03 11.73 -26.42
CA ARG A 45 -6.55 11.25 -27.72
C ARG A 45 -5.38 12.12 -28.11
N LEU A 46 -4.24 11.50 -28.38
CA LEU A 46 -3.02 12.28 -28.63
C LEU A 46 -2.43 12.11 -30.03
N LYS A 47 -1.92 13.20 -30.59
CA LYS A 47 -1.13 13.17 -31.83
C LYS A 47 0.16 12.38 -31.64
N ASP A 48 0.87 12.65 -30.54
CA ASP A 48 2.06 11.89 -30.21
C ASP A 48 2.15 11.79 -28.72
N VAL A 49 3.15 11.06 -28.21
CA VAL A 49 3.34 10.93 -26.77
C VAL A 49 3.55 12.29 -26.15
N GLU A 50 4.37 13.12 -26.80
CA GLU A 50 4.85 14.37 -26.24
C GLU A 50 3.71 15.32 -25.94
N GLU A 51 2.57 15.10 -26.59
CA GLU A 51 1.39 15.92 -26.38
C GLU A 51 0.77 15.71 -25.00
N LEU A 52 1.19 14.65 -24.31
CA LEU A 52 0.82 14.43 -22.92
C LEU A 52 1.25 15.58 -22.01
N ASP A 53 2.38 16.23 -22.33
CA ASP A 53 2.82 17.40 -21.58
C ASP A 53 1.76 18.52 -21.62
N ASP A 54 1.21 18.75 -22.82
CA ASP A 54 0.13 19.71 -23.02
C ASP A 54 -1.11 19.44 -22.19
N VAL A 55 -1.52 18.17 -22.12
CA VAL A 55 -2.75 17.82 -21.39
C VAL A 55 -2.57 17.65 -19.91
N VAL A 56 -1.48 17.00 -19.49
CA VAL A 56 -1.27 16.67 -18.08
C VAL A 56 -0.50 17.77 -17.36
N THR A 57 0.74 18.04 -17.78
CA THR A 57 1.61 18.95 -17.04
C THR A 57 1.21 20.43 -17.17
N GLN A 58 0.84 20.86 -18.37
CA GLN A 58 0.47 22.26 -18.59
C GLN A 58 -1.02 22.44 -18.47
N GLY A 59 -1.76 21.33 -18.59
CA GLY A 59 -3.22 21.37 -18.75
C GLY A 59 -3.98 21.00 -17.49
N ILE A 60 -3.79 19.77 -17.00
CA ILE A 60 -4.47 19.33 -15.78
C ILE A 60 -3.74 19.82 -14.53
N LEU A 61 -2.42 19.67 -14.53
CA LEU A 61 -1.64 19.90 -13.29
C LEU A 61 -1.40 21.39 -13.03
N SER A 62 -1.73 22.22 -14.01
CA SER A 62 -1.67 23.67 -13.86
C SER A 62 -3.02 24.19 -13.37
N LEU A 63 -3.88 23.26 -12.96
CA LEU A 63 -5.18 23.64 -12.46
C LEU A 63 -5.20 23.57 -10.97
N GLU A 64 -5.93 24.52 -10.38
CA GLU A 64 -6.06 24.61 -8.94
C GLU A 64 -6.91 23.46 -8.40
N GLY A 65 -6.37 22.73 -7.44
CA GLY A 65 -7.12 21.68 -6.74
C GLY A 65 -6.75 20.21 -6.95
N VAL A 66 -5.89 19.93 -7.94
CA VAL A 66 -5.55 18.54 -8.28
C VAL A 66 -4.47 17.98 -7.35
N GLU A 67 -4.82 16.94 -6.61
CA GLU A 67 -3.89 16.32 -5.70
C GLU A 67 -2.92 15.36 -6.41
N ARG A 68 -3.47 14.35 -7.09
CA ARG A 68 -2.68 13.38 -7.86
C ARG A 68 -3.30 13.12 -9.22
N THR A 69 -2.43 12.89 -10.20
CA THR A 69 -2.79 12.40 -11.52
C THR A 69 -2.05 11.05 -11.78
N GLU A 70 -2.71 10.13 -12.48
CA GLU A 70 -2.03 8.92 -12.98
C GLU A 70 -2.44 8.55 -14.40
N THR A 71 -1.48 8.57 -15.32
CA THR A 71 -1.76 8.36 -16.74
C THR A 71 -1.47 6.91 -17.17
N LEU A 72 -2.49 6.29 -17.73
CA LEU A 72 -2.41 4.94 -18.30
C LEU A 72 -2.36 5.10 -19.80
N LEU A 73 -1.17 5.01 -20.39
CA LEU A 73 -1.03 5.23 -21.82
C LEU A 73 -1.15 3.96 -22.67
N ALA A 74 -2.06 3.97 -23.63
CA ALA A 74 -2.35 2.81 -24.48
C ALA A 74 -1.36 2.70 -25.62
N PHE A 75 -0.57 1.62 -25.62
CA PHE A 75 0.37 1.42 -26.71
C PHE A 75 -0.13 0.41 -27.78
N ARG A 76 -1.10 -0.42 -27.40
CA ARG A 76 -1.69 -1.36 -28.34
C ARG A 76 -3.20 -1.51 -28.15
N ALA A 77 -3.93 -1.32 -29.25
CA ALA A 77 -5.37 -1.57 -29.33
C ALA A 77 -5.66 -3.01 -29.80
N TYR A 78 -6.67 -3.65 -29.21
CA TYR A 78 -7.15 -4.95 -29.67
C TYR A 78 -8.51 -4.75 -30.35
N PRO A 79 -8.55 -4.84 -31.69
CA PRO A 79 -9.77 -4.57 -32.48
C PRO A 79 -10.87 -5.64 -32.39
N ARG A 80 -11.91 -5.41 -33.20
CA ARG A 80 -13.11 -6.26 -33.34
C ARG A 80 -14.12 -5.99 -32.23
N MET B 1 31.58 2.85 -13.77
CA MET B 1 30.70 4.00 -13.35
C MET B 1 29.50 3.38 -12.64
N ILE B 2 28.91 4.11 -11.70
CA ILE B 2 27.74 3.61 -11.00
C ILE B 2 26.52 4.34 -11.53
N THR B 3 25.51 3.56 -11.94
CA THR B 3 24.23 4.10 -12.44
C THR B 3 23.13 4.05 -11.36
N ALA B 4 22.25 5.06 -11.39
CA ALA B 4 21.11 5.16 -10.47
C ALA B 4 19.98 5.79 -11.21
N PHE B 5 18.75 5.46 -10.81
CA PHE B 5 17.51 6.03 -11.37
C PHE B 5 16.86 6.68 -10.15
N VAL B 6 16.65 7.98 -10.22
CA VAL B 6 16.03 8.70 -9.13
C VAL B 6 14.61 9.01 -9.56
N LEU B 7 13.65 8.49 -8.79
CA LEU B 7 12.23 8.75 -9.03
C LEU B 7 11.82 9.95 -8.16
N ILE B 8 11.23 10.95 -8.80
CA ILE B 8 10.96 12.20 -8.12
C ILE B 8 9.45 12.49 -8.18
N ARG B 9 8.82 12.67 -7.02
CA ARG B 9 7.44 13.12 -6.94
C ARG B 9 7.43 14.59 -6.58
N PRO B 10 7.22 15.48 -7.56
CA PRO B 10 7.15 16.89 -7.23
C PRO B 10 5.70 17.31 -6.96
N ARG B 11 5.52 18.61 -6.73
CA ARG B 11 4.21 19.22 -6.60
C ARG B 11 3.74 19.49 -8.02
N GLY B 12 2.47 19.20 -8.27
CA GLY B 12 1.96 19.25 -9.64
C GLY B 12 2.47 20.41 -10.45
N ASN B 13 2.35 21.61 -9.91
CA ASN B 13 2.72 22.82 -10.66
C ASN B 13 4.23 23.10 -10.64
N ARG B 14 5.02 22.20 -10.03
CA ARG B 14 6.48 22.30 -10.03
C ARG B 14 7.22 21.45 -11.09
N VAL B 15 6.50 20.54 -11.76
CA VAL B 15 7.11 19.52 -12.64
C VAL B 15 8.12 20.08 -13.64
N GLN B 16 7.69 21.03 -14.47
CA GLN B 16 8.58 21.58 -15.47
C GLN B 16 9.84 22.25 -14.88
N ALA B 17 9.65 23.03 -13.80
CA ALA B 17 10.75 23.84 -13.26
C ALA B 17 11.76 22.92 -12.63
N LEU B 18 11.26 21.96 -11.87
CA LEU B 18 12.10 20.94 -11.24
C LEU B 18 12.81 20.03 -12.25
N GLY B 19 12.16 19.78 -13.40
CA GLY B 19 12.74 19.00 -14.48
C GLY B 19 13.90 19.73 -15.14
N GLU B 20 13.71 21.03 -15.38
CA GLU B 20 14.76 21.91 -15.91
C GLU B 20 15.93 22.06 -14.93
N ALA B 21 15.61 22.28 -13.65
CA ALA B 21 16.64 22.40 -12.60
C ALA B 21 17.48 21.14 -12.44
N ILE B 22 16.82 19.98 -12.43
CA ILE B 22 17.51 18.69 -12.24
C ILE B 22 18.42 18.37 -13.43
N ALA B 23 18.05 18.81 -14.62
CA ALA B 23 18.88 18.61 -15.80
C ALA B 23 20.27 19.30 -15.77
N GLU B 24 20.42 20.35 -14.95
CA GLU B 24 21.67 21.14 -14.93
C GLU B 24 22.63 20.57 -13.92
N LEU B 25 22.13 19.59 -13.15
CA LEU B 25 22.94 18.91 -12.15
C LEU B 25 23.98 17.99 -12.83
N PRO B 26 25.28 18.19 -12.52
CA PRO B 26 26.41 17.60 -13.25
C PRO B 26 26.31 16.08 -13.42
N GLN B 27 25.86 15.38 -12.39
CA GLN B 27 25.80 13.92 -12.44
C GLN B 27 24.56 13.39 -13.21
N VAL B 28 23.63 14.27 -13.55
CA VAL B 28 22.39 13.89 -14.24
C VAL B 28 22.51 13.75 -15.76
N ALA B 29 22.58 12.49 -16.19
CA ALA B 29 22.69 12.12 -17.61
C ALA B 29 21.41 12.45 -18.39
N GLU B 30 20.27 12.08 -17.83
CA GLU B 30 18.96 12.22 -18.48
C GLU B 30 17.89 12.44 -17.41
N VAL B 31 16.92 13.29 -17.71
CA VAL B 31 15.80 13.48 -16.84
C VAL B 31 14.55 13.65 -17.67
N TYR B 32 13.47 13.03 -17.20
CA TYR B 32 12.25 12.92 -17.97
C TYR B 32 11.07 13.08 -17.08
N SER B 33 10.05 13.67 -17.67
CA SER B 33 8.69 13.51 -17.20
C SER B 33 8.14 12.16 -17.67
N VAL B 34 7.57 11.40 -16.72
CA VAL B 34 7.14 10.02 -16.97
C VAL B 34 5.70 9.78 -16.52
N THR B 35 5.09 8.70 -17.04
CA THR B 35 3.78 8.21 -16.59
C THR B 35 3.98 7.38 -15.33
N GLY B 36 2.92 7.10 -14.58
CA GLY B 36 3.05 6.33 -13.35
C GLY B 36 2.99 7.14 -12.07
N PRO B 37 3.33 6.49 -10.95
CA PRO B 37 3.12 7.07 -9.61
C PRO B 37 4.20 8.10 -9.20
N TYR B 38 5.26 8.21 -10.01
CA TYR B 38 6.33 9.20 -9.84
C TYR B 38 6.37 10.02 -11.10
N ASP B 39 6.63 11.32 -10.99
CA ASP B 39 6.41 12.27 -12.08
C ASP B 39 7.64 12.50 -12.92
N LEU B 40 8.81 12.39 -12.30
CA LEU B 40 10.06 12.59 -13.00
C LEU B 40 10.99 11.48 -12.63
N VAL B 41 11.87 11.15 -13.58
CA VAL B 41 12.95 10.22 -13.34
C VAL B 41 14.23 10.88 -13.76
N ALA B 42 15.27 10.71 -12.95
CA ALA B 42 16.60 11.18 -13.31
C ALA B 42 17.49 9.99 -13.47
N LEU B 43 18.19 9.96 -14.61
CA LEU B 43 19.20 8.92 -14.82
C LEU B 43 20.56 9.54 -14.49
N VAL B 44 21.19 8.96 -13.51
CA VAL B 44 22.33 9.57 -12.85
C VAL B 44 23.55 8.62 -12.92
N ARG B 45 24.69 9.18 -13.36
CA ARG B 45 26.01 8.48 -13.32
C ARG B 45 26.93 9.03 -12.24
N LEU B 46 27.41 8.13 -11.39
CA LEU B 46 28.22 8.48 -10.25
C LEU B 46 29.63 7.91 -10.42
N LYS B 47 30.64 8.64 -9.91
CA LYS B 47 32.00 8.11 -9.80
C LYS B 47 32.09 7.18 -8.56
N ASP B 48 31.39 7.56 -7.49
CA ASP B 48 31.32 6.80 -6.23
C ASP B 48 29.87 6.89 -5.75
N VAL B 49 29.46 6.03 -4.82
CA VAL B 49 28.12 6.12 -4.26
C VAL B 49 27.87 7.33 -3.36
N GLU B 50 28.93 7.93 -2.82
CA GLU B 50 28.78 9.04 -1.89
C GLU B 50 28.11 10.16 -2.67
N GLU B 51 28.33 10.17 -3.98
CA GLU B 51 27.83 11.25 -4.82
C GLU B 51 26.30 11.42 -4.86
N LEU B 52 25.56 10.46 -4.29
CA LEU B 52 24.10 10.60 -4.11
C LEU B 52 23.83 11.67 -3.06
N ASP B 53 24.85 11.95 -2.24
CA ASP B 53 24.81 13.05 -1.27
C ASP B 53 24.74 14.38 -2.00
N ASP B 54 25.54 14.53 -3.05
CA ASP B 54 25.55 15.75 -3.86
C ASP B 54 24.37 15.88 -4.80
N VAL B 55 24.03 14.78 -5.49
CA VAL B 55 22.93 14.78 -6.48
C VAL B 55 21.56 14.70 -5.82
N VAL B 56 21.38 13.81 -4.85
CA VAL B 56 20.04 13.61 -4.29
C VAL B 56 19.82 14.45 -3.04
N THR B 57 20.54 14.14 -1.95
CA THR B 57 20.36 14.84 -0.69
C THR B 57 20.41 16.38 -0.89
N GLN B 58 21.38 16.86 -1.67
CA GLN B 58 21.58 18.29 -1.89
C GLN B 58 21.05 18.78 -3.20
N GLY B 59 21.46 18.14 -4.29
CA GLY B 59 21.00 18.55 -5.62
C GLY B 59 19.49 18.55 -5.72
N ILE B 60 18.86 17.52 -5.17
CA ILE B 60 17.44 17.34 -5.44
C ILE B 60 16.53 17.65 -4.28
N LEU B 61 16.85 17.11 -3.11
CA LEU B 61 15.96 17.31 -1.97
C LEU B 61 15.93 18.77 -1.46
N SER B 62 16.92 19.55 -1.88
CA SER B 62 17.03 20.94 -1.42
C SER B 62 16.17 21.86 -2.27
N LEU B 63 15.78 21.38 -3.46
CA LEU B 63 14.89 22.11 -4.36
C LEU B 63 13.48 22.16 -3.79
N GLU B 64 12.80 23.29 -3.99
CA GLU B 64 11.50 23.50 -3.36
C GLU B 64 10.40 22.91 -4.22
N GLY B 65 9.53 22.18 -3.57
CA GLY B 65 8.43 21.52 -4.24
C GLY B 65 8.67 20.06 -4.57
N VAL B 66 9.66 19.42 -3.93
CA VAL B 66 9.84 17.97 -4.08
C VAL B 66 9.38 17.25 -2.83
N GLU B 67 8.45 16.32 -3.02
CA GLU B 67 7.71 15.72 -1.92
C GLU B 67 8.28 14.39 -1.47
N ARG B 68 8.68 13.58 -2.45
CA ARG B 68 9.25 12.26 -2.21
C ARG B 68 10.24 11.94 -3.29
N THR B 69 11.21 11.14 -2.91
CA THR B 69 12.24 10.71 -3.83
C THR B 69 12.51 9.25 -3.54
N GLU B 70 12.86 8.48 -4.57
CA GLU B 70 13.32 7.12 -4.35
C GLU B 70 14.42 6.74 -5.32
N THR B 71 15.53 6.28 -4.78
CA THR B 71 16.68 5.98 -5.59
C THR B 71 16.84 4.47 -5.75
N LEU B 72 16.88 4.04 -7.01
CA LEU B 72 17.10 2.64 -7.34
C LEU B 72 18.54 2.59 -7.79
N LEU B 73 19.41 2.11 -6.90
CA LEU B 73 20.83 2.04 -7.22
C LEU B 73 21.21 0.75 -7.96
N ALA B 74 21.73 0.89 -9.18
CA ALA B 74 22.25 -0.23 -9.98
C ALA B 74 23.53 -0.82 -9.39
N PHE B 75 23.49 -2.11 -9.05
CA PHE B 75 24.72 -2.77 -8.58
C PHE B 75 25.33 -3.80 -9.53
N ARG B 76 24.59 -4.23 -10.55
CA ARG B 76 25.19 -5.02 -11.62
C ARG B 76 24.62 -4.67 -12.98
N ALA B 77 25.50 -4.42 -13.95
CA ALA B 77 25.13 -4.24 -15.35
C ALA B 77 25.03 -5.56 -16.16
N TYR B 78 24.11 -5.59 -17.13
CA TYR B 78 23.96 -6.69 -18.08
C TYR B 78 24.06 -6.12 -19.49
N PRO B 79 25.29 -6.04 -20.04
CA PRO B 79 25.57 -5.50 -21.39
C PRO B 79 25.19 -6.41 -22.57
N ARG B 80 24.98 -5.79 -23.74
CA ARG B 80 25.10 -6.42 -25.10
C ARG B 80 23.87 -6.27 -26.00
N MET C 1 23.08 -7.03 25.22
CA MET C 1 22.82 -5.74 24.49
C MET C 1 21.74 -5.97 23.45
N ILE C 2 20.79 -5.03 23.34
CA ILE C 2 19.71 -5.14 22.35
C ILE C 2 19.91 -4.20 21.16
N THR C 3 20.06 -4.80 19.98
CA THR C 3 20.19 -4.07 18.72
C THR C 3 18.83 -3.73 18.11
N ALA C 4 18.68 -2.48 17.71
CA ALA C 4 17.51 -2.04 16.95
C ALA C 4 17.96 -1.33 15.68
N PHE C 5 17.14 -1.43 14.63
CA PHE C 5 17.35 -0.71 13.39
C PHE C 5 16.25 0.31 13.30
N VAL C 6 16.60 1.58 13.41
CA VAL C 6 15.60 2.65 13.35
C VAL C 6 15.65 3.27 11.96
N LEU C 7 14.49 3.35 11.32
CA LEU C 7 14.37 3.93 9.99
C LEU C 7 13.67 5.26 10.15
N ILE C 8 14.27 6.31 9.60
CA ILE C 8 13.75 7.67 9.74
C ILE C 8 13.43 8.25 8.36
N ARG C 9 12.24 8.82 8.22
CA ARG C 9 11.90 9.59 7.01
C ARG C 9 11.81 11.08 7.40
N PRO C 10 12.89 11.85 7.17
CA PRO C 10 12.88 13.27 7.48
C PRO C 10 12.25 14.07 6.34
N ARG C 11 11.84 15.31 6.63
CA ARG C 11 11.54 16.26 5.56
C ARG C 11 12.78 16.37 4.68
N GLY C 12 12.58 16.58 3.39
CA GLY C 12 13.68 16.59 2.41
C GLY C 12 14.88 17.42 2.84
N ASN C 13 14.66 18.70 3.10
CA ASN C 13 15.76 19.61 3.42
C ASN C 13 16.18 19.55 4.88
N ARG C 14 16.05 18.37 5.49
CA ARG C 14 16.38 18.21 6.89
C ARG C 14 17.18 16.95 7.10
N VAL C 15 17.45 16.24 5.99
CA VAL C 15 18.09 14.92 6.02
C VAL C 15 19.43 15.04 6.74
N GLN C 16 20.29 15.94 6.25
CA GLN C 16 21.64 16.13 6.81
C GLN C 16 21.59 16.58 8.27
N ALA C 17 20.75 17.56 8.56
CA ALA C 17 20.51 18.03 9.94
C ALA C 17 20.15 16.91 10.94
N LEU C 18 19.15 16.09 10.59
CA LEU C 18 18.69 15.02 11.49
C LEU C 18 19.68 13.87 11.60
N GLY C 19 20.31 13.51 10.48
CA GLY C 19 21.33 12.48 10.50
C GLY C 19 22.44 12.78 11.49
N GLU C 20 22.93 14.03 11.46
CA GLU C 20 23.96 14.51 12.37
C GLU C 20 23.43 14.67 13.79
N ALA C 21 22.17 15.08 13.91
CA ALA C 21 21.49 15.15 15.21
C ALA C 21 21.31 13.77 15.86
N ILE C 22 20.94 12.75 15.05
CA ILE C 22 20.79 11.37 15.54
C ILE C 22 22.14 10.78 15.96
N ALA C 23 23.21 11.16 15.27
CA ALA C 23 24.53 10.59 15.51
C ALA C 23 25.11 10.94 16.88
N GLU C 24 24.65 12.06 17.45
CA GLU C 24 25.09 12.48 18.80
C GLU C 24 24.54 11.58 19.92
N LEU C 25 23.23 11.31 19.88
CA LEU C 25 22.55 10.45 20.85
C LEU C 25 23.38 9.23 21.24
N PRO C 26 23.49 8.95 22.56
CA PRO C 26 24.48 7.99 23.09
C PRO C 26 24.26 6.55 22.65
N GLN C 27 23.00 6.13 22.53
CA GLN C 27 22.65 4.77 22.15
C GLN C 27 22.90 4.46 20.66
N VAL C 28 22.88 5.49 19.81
CA VAL C 28 23.11 5.33 18.37
C VAL C 28 24.57 4.99 18.05
N ALA C 29 24.78 3.78 17.51
CA ALA C 29 26.14 3.28 17.22
C ALA C 29 26.63 3.62 15.82
N GLU C 30 25.69 3.68 14.88
CA GLU C 30 25.95 4.03 13.48
C GLU C 30 24.67 4.70 12.93
N VAL C 31 24.83 5.63 11.99
CA VAL C 31 23.68 6.19 11.28
C VAL C 31 24.10 6.64 9.89
N TYR C 32 23.31 6.23 8.90
CA TYR C 32 23.66 6.45 7.51
C TYR C 32 22.53 7.07 6.73
N SER C 33 22.92 7.68 5.61
CA SER C 33 22.00 8.12 4.58
C SER C 33 21.93 6.95 3.61
N VAL C 34 20.71 6.55 3.23
CA VAL C 34 20.49 5.28 2.50
C VAL C 34 19.53 5.44 1.32
N THR C 35 19.65 4.53 0.36
CA THR C 35 18.63 4.38 -0.70
C THR C 35 17.33 3.87 -0.04
N GLY C 36 16.21 4.01 -0.74
CA GLY C 36 14.98 3.42 -0.23
C GLY C 36 13.86 4.37 0.12
N PRO C 37 12.90 3.91 0.95
CA PRO C 37 11.76 4.73 1.40
C PRO C 37 12.06 5.57 2.63
N TYR C 38 13.15 5.26 3.31
CA TYR C 38 13.54 5.96 4.54
C TYR C 38 14.96 6.49 4.40
N ASP C 39 15.11 7.81 4.40
CA ASP C 39 16.40 8.45 4.06
C ASP C 39 17.52 8.13 5.04
N LEU C 40 17.16 7.89 6.29
CA LEU C 40 18.13 7.62 7.35
C LEU C 40 17.85 6.29 8.03
N VAL C 41 18.93 5.60 8.40
CA VAL C 41 18.85 4.38 9.19
C VAL C 41 19.87 4.41 10.33
N ALA C 42 19.38 4.51 11.57
CA ALA C 42 20.25 4.43 12.73
C ALA C 42 20.39 2.97 13.20
N LEU C 43 21.62 2.50 13.34
CA LEU C 43 21.89 1.27 14.08
C LEU C 43 22.02 1.67 15.54
N VAL C 44 21.05 1.24 16.34
CA VAL C 44 20.93 1.59 17.76
C VAL C 44 21.33 0.40 18.62
N ARG C 45 21.98 0.66 19.75
CA ARG C 45 22.40 -0.40 20.67
C ARG C 45 21.92 -0.06 22.08
N LEU C 46 21.00 -0.89 22.58
CA LEU C 46 20.34 -0.62 23.85
C LEU C 46 20.75 -1.61 24.94
N LYS C 47 20.74 -1.13 26.18
CA LYS C 47 20.91 -2.00 27.35
C LYS C 47 19.61 -2.76 27.57
N ASP C 48 18.52 -2.01 27.70
CA ASP C 48 17.17 -2.54 27.88
C ASP C 48 16.22 -1.90 26.86
N VAL C 49 15.23 -2.66 26.42
CA VAL C 49 14.28 -2.17 25.40
C VAL C 49 13.51 -0.92 25.84
N GLU C 50 13.39 -0.73 27.15
CA GLU C 50 12.80 0.47 27.74
C GLU C 50 13.53 1.74 27.29
N GLU C 51 14.77 1.57 26.83
CA GLU C 51 15.63 2.67 26.40
C GLU C 51 15.25 3.24 25.03
N LEU C 52 14.35 2.54 24.32
CA LEU C 52 13.84 3.00 23.03
C LEU C 52 13.00 4.28 23.16
N ASP C 53 12.44 4.53 24.33
CA ASP C 53 11.73 5.78 24.59
C ASP C 53 12.70 6.96 24.58
N ASP C 54 13.89 6.75 25.14
CA ASP C 54 14.92 7.79 25.14
C ASP C 54 15.41 8.05 23.72
N VAL C 55 15.80 6.97 23.03
CA VAL C 55 16.36 7.11 21.68
C VAL C 55 15.33 7.52 20.61
N VAL C 56 14.09 7.05 20.73
CA VAL C 56 13.08 7.30 19.69
C VAL C 56 12.09 8.44 20.01
N THR C 57 11.38 8.34 21.14
CA THR C 57 10.26 9.23 21.45
C THR C 57 10.70 10.66 21.80
N GLN C 58 11.77 10.77 22.58
CA GLN C 58 12.40 12.05 22.91
C GLN C 58 13.59 12.31 21.99
N GLY C 59 14.49 11.32 21.91
CA GLY C 59 15.74 11.45 21.17
C GLY C 59 15.61 11.73 19.68
N ILE C 60 14.76 10.98 18.98
CA ILE C 60 14.56 11.19 17.54
C ILE C 60 13.30 11.99 17.23
N LEU C 61 12.17 11.63 17.84
CA LEU C 61 10.87 12.20 17.45
C LEU C 61 10.61 13.65 17.87
N SER C 62 11.38 14.15 18.84
CA SER C 62 11.28 15.54 19.31
C SER C 62 11.84 16.56 18.32
N LEU C 63 12.72 16.10 17.43
CA LEU C 63 13.41 16.98 16.49
C LEU C 63 12.49 17.41 15.35
N GLU C 64 12.72 18.63 14.86
CA GLU C 64 11.93 19.20 13.77
C GLU C 64 12.17 18.43 12.47
N GLY C 65 11.12 18.25 11.67
CA GLY C 65 11.27 17.65 10.36
C GLY C 65 10.96 16.17 10.24
N VAL C 66 11.40 15.37 11.21
CA VAL C 66 11.12 13.91 11.24
C VAL C 66 9.65 13.60 11.05
N GLU C 67 9.30 13.18 9.83
CA GLU C 67 7.92 12.90 9.43
C GLU C 67 7.44 11.51 9.88
N ARG C 68 8.35 10.54 9.93
CA ARG C 68 8.02 9.17 10.26
C ARG C 68 9.23 8.37 10.72
N THR C 69 9.02 7.57 11.75
CA THR C 69 9.98 6.57 12.17
C THR C 69 9.33 5.17 12.11
N GLU C 70 10.17 4.14 11.98
CA GLU C 70 9.76 2.75 12.10
C GLU C 70 10.91 1.93 12.64
N THR C 71 10.76 1.39 13.84
CA THR C 71 11.84 0.66 14.50
C THR C 71 11.73 -0.85 14.31
N LEU C 72 12.75 -1.42 13.71
CA LEU C 72 12.92 -2.86 13.57
C LEU C 72 13.79 -3.37 14.71
N LEU C 73 13.14 -3.66 15.85
CA LEU C 73 13.83 -4.20 17.01
C LEU C 73 14.21 -5.66 16.82
N ALA C 74 15.43 -6.02 17.19
CA ALA C 74 15.92 -7.39 17.09
C ALA C 74 15.73 -8.16 18.39
N PHE C 75 15.33 -9.43 18.27
CA PHE C 75 15.10 -10.29 19.43
C PHE C 75 15.88 -11.62 19.36
N ARG C 76 16.65 -11.78 18.28
CA ARG C 76 17.52 -12.94 18.13
C ARG C 76 18.71 -12.60 17.24
N ALA C 77 19.91 -12.77 17.80
CA ALA C 77 21.16 -12.60 17.05
C ALA C 77 21.62 -13.91 16.44
N TYR C 78 22.24 -13.82 15.26
CA TYR C 78 22.85 -14.98 14.61
C TYR C 78 24.37 -14.79 14.51
N PRO C 79 25.12 -15.57 15.29
CA PRO C 79 26.58 -15.45 15.41
C PRO C 79 27.35 -16.12 14.26
N ARG C 80 28.66 -15.91 14.23
CA ARG C 80 29.58 -16.43 13.20
C ARG C 80 29.56 -15.59 11.91
N MET D 1 -18.37 -8.02 28.31
CA MET D 1 -17.12 -7.19 28.42
C MET D 1 -16.23 -7.44 27.19
N ILE D 2 -16.33 -6.54 26.22
CA ILE D 2 -15.63 -6.70 24.93
C ILE D 2 -14.23 -6.10 24.94
N THR D 3 -13.26 -6.83 24.41
CA THR D 3 -11.89 -6.34 24.26
C THR D 3 -11.67 -5.72 22.86
N ALA D 4 -10.91 -4.63 22.84
CA ALA D 4 -10.44 -4.03 21.58
C ALA D 4 -9.04 -3.47 21.77
N PHE D 5 -8.24 -3.57 20.72
CA PHE D 5 -6.89 -3.01 20.68
C PHE D 5 -6.99 -1.78 19.76
N VAL D 6 -6.88 -0.58 20.33
CA VAL D 6 -6.88 0.67 19.55
C VAL D 6 -5.45 1.06 19.16
N LEU D 7 -5.24 1.13 17.84
CA LEU D 7 -3.97 1.48 17.25
C LEU D 7 -3.96 2.98 16.97
N ILE D 8 -3.04 3.71 17.59
CA ILE D 8 -2.99 5.19 17.49
C ILE D 8 -1.69 5.77 16.90
N ARG D 9 -1.81 6.48 15.78
CA ARG D 9 -0.71 7.32 15.28
C ARG D 9 -0.90 8.77 15.75
N PRO D 10 -0.03 9.24 16.66
CA PRO D 10 0.00 10.62 17.05
C PRO D 10 1.13 11.37 16.34
N ARG D 11 1.09 12.70 16.38
CA ARG D 11 2.23 13.49 15.92
C ARG D 11 3.42 13.20 16.83
N GLY D 12 4.61 13.13 16.22
CA GLY D 12 5.83 12.67 16.89
C GLY D 12 6.16 13.27 18.25
N ASN D 13 5.93 14.58 18.38
CA ASN D 13 6.21 15.26 19.66
C ASN D 13 5.16 14.98 20.74
N ARG D 14 3.91 14.81 20.31
CA ARG D 14 2.78 14.57 21.22
C ARG D 14 2.77 13.18 21.88
N VAL D 15 3.56 12.25 21.35
CA VAL D 15 3.56 10.84 21.79
C VAL D 15 3.51 10.63 23.31
N GLN D 16 4.58 10.99 24.03
CA GLN D 16 4.67 10.77 25.48
C GLN D 16 3.58 11.49 26.29
N ALA D 17 3.08 12.61 25.76
CA ALA D 17 1.93 13.28 26.32
C ALA D 17 0.64 12.51 26.04
N LEU D 18 0.34 12.31 24.75
CA LEU D 18 -0.91 11.67 24.31
C LEU D 18 -1.15 10.32 24.98
N GLY D 19 -0.08 9.57 25.22
CA GLY D 19 -0.16 8.31 25.94
C GLY D 19 -0.72 8.47 27.35
N GLU D 20 -0.28 9.53 28.02
CA GLU D 20 -0.71 9.84 29.39
C GLU D 20 -2.15 10.35 29.44
N ALA D 21 -2.59 10.96 28.35
CA ALA D 21 -3.99 11.38 28.19
C ALA D 21 -4.90 10.20 27.80
N ILE D 22 -4.33 9.21 27.11
CA ILE D 22 -5.04 7.98 26.75
C ILE D 22 -5.25 7.12 28.01
N ALA D 23 -4.20 6.96 28.80
CA ALA D 23 -4.23 6.12 30.00
C ALA D 23 -5.37 6.48 30.95
N GLU D 24 -5.73 7.76 30.99
CA GLU D 24 -6.70 8.28 31.94
C GLU D 24 -8.12 8.34 31.36
N LEU D 25 -8.33 7.61 30.28
CA LEU D 25 -9.66 7.35 29.77
C LEU D 25 -10.22 6.16 30.54
N PRO D 26 -11.55 6.17 30.83
CA PRO D 26 -12.16 5.19 31.73
C PRO D 26 -12.04 3.74 31.27
N GLN D 27 -12.00 3.51 29.96
CA GLN D 27 -12.10 2.17 29.40
C GLN D 27 -10.76 1.52 29.07
N VAL D 28 -9.66 2.26 29.27
CA VAL D 28 -8.32 1.78 28.90
C VAL D 28 -7.61 1.06 30.04
N ALA D 29 -7.49 -0.26 29.89
CA ALA D 29 -6.85 -1.11 30.89
C ALA D 29 -5.33 -1.09 30.81
N GLU D 30 -4.80 -1.03 29.59
CA GLU D 30 -3.37 -1.03 29.31
C GLU D 30 -3.08 -0.15 28.10
N VAL D 31 -1.96 0.57 28.13
CA VAL D 31 -1.58 1.44 27.01
C VAL D 31 -0.06 1.57 26.92
N TYR D 32 0.46 1.38 25.71
CA TYR D 32 1.88 1.23 25.49
C TYR D 32 2.38 2.08 24.34
N SER D 33 3.66 2.42 24.41
CA SER D 33 4.40 2.94 23.27
C SER D 33 4.97 1.68 22.59
N VAL D 34 4.72 1.52 21.29
CA VAL D 34 5.15 0.32 20.57
C VAL D 34 5.93 0.57 19.27
N THR D 35 6.67 -0.45 18.84
CA THR D 35 7.35 -0.44 17.56
C THR D 35 6.32 -0.66 16.45
N GLY D 36 6.62 -0.16 15.26
CA GLY D 36 5.78 -0.39 14.10
C GLY D 36 5.10 0.86 13.56
N PRO D 37 4.13 0.66 12.65
CA PRO D 37 3.46 1.71 11.90
C PRO D 37 2.46 2.49 12.74
N TYR D 38 2.26 2.03 13.98
CA TYR D 38 1.44 2.73 14.95
C TYR D 38 2.27 2.87 16.22
N ASP D 39 2.23 4.06 16.81
CA ASP D 39 3.12 4.39 17.91
C ASP D 39 2.54 3.99 19.26
N LEU D 40 1.24 4.20 19.42
CA LEU D 40 0.55 3.80 20.65
C LEU D 40 -0.46 2.67 20.42
N VAL D 41 -0.52 1.75 21.38
CA VAL D 41 -1.58 0.76 21.46
C VAL D 41 -2.36 0.93 22.77
N ALA D 42 -3.70 1.00 22.65
CA ALA D 42 -4.59 1.00 23.81
C ALA D 42 -5.42 -0.29 23.90
N LEU D 43 -5.20 -1.03 24.99
CA LEU D 43 -6.02 -2.19 25.33
C LEU D 43 -7.25 -1.71 26.06
N VAL D 44 -8.40 -1.79 25.39
CA VAL D 44 -9.67 -1.28 25.88
C VAL D 44 -10.57 -2.43 26.36
N ARG D 45 -11.38 -2.16 27.39
CA ARG D 45 -12.36 -3.14 27.90
C ARG D 45 -13.71 -2.45 27.90
N LEU D 46 -14.65 -3.03 27.17
CA LEU D 46 -15.91 -2.36 26.89
C LEU D 46 -17.09 -3.08 27.52
N LYS D 47 -18.15 -2.33 27.83
CA LYS D 47 -19.40 -2.91 28.33
C LYS D 47 -20.20 -3.47 27.14
N ASP D 48 -20.30 -2.68 26.08
CA ASP D 48 -20.86 -3.13 24.82
C ASP D 48 -20.06 -2.55 23.66
N VAL D 49 -20.50 -2.77 22.42
CA VAL D 49 -19.79 -2.30 21.25
C VAL D 49 -19.98 -0.79 21.07
N GLU D 50 -21.17 -0.30 21.41
CA GLU D 50 -21.48 1.11 21.33
C GLU D 50 -20.53 1.98 22.19
N GLU D 51 -19.91 1.39 23.21
CA GLU D 51 -18.99 2.12 24.08
C GLU D 51 -17.64 2.40 23.40
N LEU D 52 -17.51 2.00 22.13
CA LEU D 52 -16.35 2.37 21.34
C LEU D 52 -16.39 3.85 21.00
N ASP D 53 -17.60 4.36 20.78
CA ASP D 53 -17.79 5.79 20.55
C ASP D 53 -17.24 6.63 21.71
N ASP D 54 -17.43 6.16 22.94
CA ASP D 54 -16.99 6.87 24.14
C ASP D 54 -15.46 6.88 24.29
N VAL D 55 -14.84 5.76 23.97
CA VAL D 55 -13.39 5.62 24.16
C VAL D 55 -12.56 6.09 22.96
N VAL D 56 -13.14 6.02 21.76
CA VAL D 56 -12.45 6.43 20.55
C VAL D 56 -12.90 7.81 20.05
N THR D 57 -14.12 7.90 19.53
CA THR D 57 -14.62 9.13 18.92
C THR D 57 -14.63 10.31 19.90
N GLN D 58 -15.39 10.16 20.99
CA GLN D 58 -15.47 11.16 22.06
C GLN D 58 -14.36 10.99 23.11
N GLY D 59 -13.35 10.18 22.79
CA GLY D 59 -12.26 9.94 23.71
C GLY D 59 -10.93 10.26 23.06
N ILE D 60 -10.30 9.23 22.51
CA ILE D 60 -8.97 9.30 21.90
C ILE D 60 -8.89 10.37 20.80
N LEU D 61 -9.87 10.37 19.91
CA LEU D 61 -9.89 11.26 18.75
C LEU D 61 -10.20 12.72 19.08
N SER D 62 -10.80 12.97 20.24
CA SER D 62 -11.12 14.31 20.70
C SER D 62 -9.85 15.10 20.91
N LEU D 63 -8.85 14.43 21.50
CA LEU D 63 -7.58 15.02 21.89
C LEU D 63 -6.79 15.62 20.73
N GLU D 64 -6.03 16.67 21.02
CA GLU D 64 -5.19 17.34 20.03
C GLU D 64 -3.99 16.48 19.62
N GLY D 65 -3.75 16.37 18.32
CA GLY D 65 -2.53 15.73 17.82
C GLY D 65 -2.61 14.26 17.43
N VAL D 66 -3.80 13.66 17.56
CA VAL D 66 -4.00 12.29 17.11
C VAL D 66 -4.35 12.30 15.64
N GLU D 67 -3.50 11.66 14.84
CA GLU D 67 -3.64 11.69 13.39
C GLU D 67 -4.57 10.58 12.91
N ARG D 68 -4.24 9.35 13.27
CA ARG D 68 -4.99 8.19 12.81
C ARG D 68 -5.33 7.29 13.98
N THR D 69 -6.44 6.56 13.82
CA THR D 69 -6.84 5.55 14.76
C THR D 69 -7.33 4.31 13.98
N GLU D 70 -6.92 3.12 14.42
CA GLU D 70 -7.47 1.85 13.90
C GLU D 70 -7.84 0.87 15.03
N THR D 71 -9.13 0.56 15.11
CA THR D 71 -9.63 -0.34 16.16
C THR D 71 -9.79 -1.78 15.69
N LEU D 72 -9.03 -2.66 16.33
CA LEU D 72 -9.14 -4.09 16.14
C LEU D 72 -10.02 -4.69 17.25
N LEU D 73 -11.32 -4.88 16.97
CA LEU D 73 -12.27 -5.34 18.00
C LEU D 73 -12.36 -6.88 18.12
N ALA D 74 -12.08 -7.37 19.32
CA ALA D 74 -12.10 -8.82 19.62
C ALA D 74 -13.53 -9.36 19.77
N PHE D 75 -13.91 -10.30 18.91
CA PHE D 75 -15.25 -10.88 18.99
C PHE D 75 -15.28 -12.35 19.49
N ARG D 76 -14.15 -13.05 19.42
CA ARG D 76 -14.02 -14.36 20.03
C ARG D 76 -12.69 -14.51 20.78
N ALA D 77 -12.75 -15.10 21.96
CA ALA D 77 -11.55 -15.36 22.75
C ALA D 77 -11.14 -16.83 22.60
N TYR D 78 -9.87 -17.12 22.90
CA TYR D 78 -9.36 -18.49 22.90
C TYR D 78 -8.66 -18.72 24.23
N PRO D 79 -9.31 -19.45 25.16
CA PRO D 79 -8.80 -19.75 26.52
C PRO D 79 -7.56 -20.66 26.58
N ARG D 80 -6.89 -20.64 27.75
CA ARG D 80 -5.87 -21.62 28.19
C ARG D 80 -4.43 -21.09 28.35
N MET E 1 -33.65 -0.41 -8.23
CA MET E 1 -32.97 0.43 -7.20
C MET E 1 -31.51 0.00 -7.09
N ILE E 2 -30.61 0.98 -7.04
CA ILE E 2 -29.17 0.73 -7.06
C ILE E 2 -28.59 1.03 -5.69
N THR E 3 -27.91 0.05 -5.09
CA THR E 3 -27.25 0.19 -3.79
C THR E 3 -25.80 0.59 -3.97
N ALA E 4 -25.29 1.43 -3.06
CA ALA E 4 -23.89 1.72 -2.95
C ALA E 4 -23.50 1.80 -1.48
N PHE E 5 -22.21 1.53 -1.21
CA PHE E 5 -21.61 1.68 0.11
C PHE E 5 -20.55 2.75 0.00
N VAL E 6 -20.75 3.87 0.69
CA VAL E 6 -19.81 4.98 0.62
C VAL E 6 -18.94 4.96 1.86
N LEU E 7 -17.63 4.80 1.67
CA LEU E 7 -16.67 4.73 2.77
C LEU E 7 -16.02 6.11 2.94
N ILE E 8 -15.96 6.60 4.17
CA ILE E 8 -15.64 8.01 4.39
C ILE E 8 -14.59 8.17 5.48
N ARG E 9 -13.51 8.89 5.16
CA ARG E 9 -12.55 9.26 6.18
C ARG E 9 -12.64 10.74 6.49
N PRO E 10 -13.27 11.08 7.63
CA PRO E 10 -13.32 12.49 8.00
C PRO E 10 -12.05 12.82 8.78
N ARG E 11 -11.81 14.11 9.02
CA ARG E 11 -10.83 14.52 10.00
C ARG E 11 -11.39 14.00 11.32
N GLY E 12 -10.52 13.43 12.14
CA GLY E 12 -10.90 12.94 13.48
C GLY E 12 -12.08 13.66 14.10
N ASN E 13 -11.89 14.91 14.50
CA ASN E 13 -12.88 15.68 15.27
C ASN E 13 -14.19 16.00 14.54
N ARG E 14 -14.35 15.44 13.35
CA ARG E 14 -15.50 15.74 12.51
C ARG E 14 -16.45 14.56 12.31
N VAL E 15 -16.08 13.42 12.91
CA VAL E 15 -16.80 12.14 12.78
C VAL E 15 -18.28 12.31 13.10
N GLN E 16 -18.58 12.72 14.34
CA GLN E 16 -19.96 12.84 14.78
C GLN E 16 -20.75 13.82 13.93
N ALA E 17 -20.24 15.05 13.77
CA ALA E 17 -20.92 16.07 12.97
C ALA E 17 -21.18 15.60 11.53
N LEU E 18 -20.16 14.99 10.94
CA LEU E 18 -20.33 14.44 9.58
C LEU E 18 -21.27 13.24 9.51
N GLY E 19 -21.25 12.40 10.53
CA GLY E 19 -22.21 11.30 10.64
C GLY E 19 -23.64 11.79 10.71
N GLU E 20 -23.88 12.75 11.62
CA GLU E 20 -25.20 13.42 11.74
C GLU E 20 -25.65 14.13 10.47
N ALA E 21 -24.72 14.79 9.78
CA ALA E 21 -25.03 15.47 8.52
C ALA E 21 -25.35 14.49 7.38
N ILE E 22 -24.50 13.48 7.20
CA ILE E 22 -24.71 12.47 6.15
C ILE E 22 -26.02 11.69 6.34
N ALA E 23 -26.45 11.51 7.57
CA ALA E 23 -27.74 10.86 7.87
C ALA E 23 -28.96 11.59 7.28
N GLU E 24 -28.85 12.91 7.12
CA GLU E 24 -29.97 13.72 6.64
C GLU E 24 -30.12 13.80 5.13
N LEU E 25 -29.06 13.43 4.39
CA LEU E 25 -29.14 13.43 2.92
C LEU E 25 -30.18 12.40 2.46
N PRO E 26 -31.09 12.78 1.55
CA PRO E 26 -32.22 11.93 1.16
C PRO E 26 -31.91 10.46 0.79
N GLN E 27 -30.87 10.23 -0.01
CA GLN E 27 -30.64 8.86 -0.55
C GLN E 27 -29.96 7.92 0.47
N VAL E 28 -29.60 8.48 1.63
CA VAL E 28 -28.81 7.78 2.65
C VAL E 28 -29.67 6.98 3.64
N ALA E 29 -29.87 5.70 3.30
CA ALA E 29 -30.69 4.80 4.11
C ALA E 29 -30.14 4.58 5.52
N GLU E 30 -28.82 4.44 5.64
CA GLU E 30 -28.17 4.13 6.92
C GLU E 30 -26.76 4.67 6.90
N VAL E 31 -26.29 5.12 8.06
CA VAL E 31 -24.91 5.54 8.22
C VAL E 31 -24.43 5.19 9.59
N TYR E 32 -23.16 4.81 9.66
CA TYR E 32 -22.58 4.31 10.89
C TYR E 32 -21.17 4.79 11.01
N SER E 33 -20.71 4.79 12.24
CA SER E 33 -19.30 4.85 12.58
C SER E 33 -18.80 3.42 12.68
N VAL E 34 -17.68 3.11 12.03
CA VAL E 34 -17.21 1.73 11.89
C VAL E 34 -15.75 1.60 12.29
N THR E 35 -15.33 0.37 12.64
CA THR E 35 -13.91 0.05 12.79
C THR E 35 -13.26 -0.05 11.41
N GLY E 36 -11.93 0.05 11.36
CA GLY E 36 -11.21 -0.08 10.09
C GLY E 36 -10.47 1.16 9.61
N PRO E 37 -9.93 1.10 8.37
CA PRO E 37 -9.19 2.22 7.74
C PRO E 37 -10.11 3.41 7.40
N TYR E 38 -11.40 3.15 7.26
CA TYR E 38 -12.39 4.22 7.12
C TYR E 38 -13.17 4.36 8.44
N ASP E 39 -13.75 5.54 8.67
CA ASP E 39 -14.40 5.87 9.94
C ASP E 39 -15.92 5.86 9.89
N LEU E 40 -16.49 6.15 8.72
CA LEU E 40 -17.92 6.13 8.53
C LEU E 40 -18.24 5.39 7.25
N VAL E 41 -19.42 4.78 7.21
CA VAL E 41 -19.94 4.14 6.01
C VAL E 41 -21.38 4.62 5.86
N ALA E 42 -21.71 5.12 4.68
CA ALA E 42 -23.07 5.38 4.38
C ALA E 42 -23.51 4.31 3.42
N LEU E 43 -24.69 3.77 3.68
CA LEU E 43 -25.35 2.86 2.79
C LEU E 43 -26.39 3.69 2.08
N VAL E 44 -26.42 3.62 0.75
CA VAL E 44 -27.17 4.55 -0.10
C VAL E 44 -28.03 3.78 -1.09
N ARG E 45 -29.25 4.26 -1.31
CA ARG E 45 -30.17 3.71 -2.33
C ARG E 45 -30.47 4.77 -3.37
N LEU E 46 -30.26 4.41 -4.63
CA LEU E 46 -30.33 5.35 -5.73
C LEU E 46 -31.34 4.83 -6.73
N LYS E 47 -32.04 5.74 -7.42
CA LYS E 47 -32.89 5.35 -8.56
C LYS E 47 -32.06 5.16 -9.84
N ASP E 48 -31.00 5.96 -9.97
CA ASP E 48 -30.08 5.96 -11.11
C ASP E 48 -28.70 6.12 -10.49
N VAL E 49 -27.64 5.68 -11.18
CA VAL E 49 -26.28 5.89 -10.64
C VAL E 49 -25.82 7.35 -10.65
N GLU E 50 -26.42 8.17 -11.51
CA GLU E 50 -26.14 9.61 -11.58
C GLU E 50 -26.29 10.26 -10.22
N GLU E 51 -27.24 9.76 -9.43
CA GLU E 51 -27.52 10.33 -8.11
C GLU E 51 -26.34 10.36 -7.17
N LEU E 52 -25.28 9.64 -7.54
CA LEU E 52 -24.02 9.70 -6.81
C LEU E 52 -23.41 11.09 -6.94
N ASP E 53 -23.82 11.83 -7.96
CA ASP E 53 -23.50 13.26 -8.13
C ASP E 53 -24.12 14.04 -6.96
N ASP E 54 -25.42 13.87 -6.78
CA ASP E 54 -26.16 14.48 -5.69
C ASP E 54 -25.66 14.05 -4.32
N VAL E 55 -25.58 12.74 -4.07
CA VAL E 55 -25.21 12.22 -2.73
C VAL E 55 -23.71 12.34 -2.41
N VAL E 56 -22.83 11.98 -3.35
CA VAL E 56 -21.40 11.99 -3.01
C VAL E 56 -20.70 13.29 -3.37
N THR E 57 -20.72 13.68 -4.63
CA THR E 57 -19.99 14.88 -5.08
C THR E 57 -20.51 16.11 -4.31
N GLN E 58 -21.82 16.30 -4.40
CA GLN E 58 -22.45 17.43 -3.75
C GLN E 58 -22.71 17.14 -2.28
N GLY E 59 -23.56 16.16 -2.00
CA GLY E 59 -23.97 15.87 -0.62
C GLY E 59 -22.82 15.69 0.37
N ILE E 60 -21.85 14.84 0.03
CA ILE E 60 -20.84 14.43 1.00
C ILE E 60 -19.54 15.17 0.84
N LEU E 61 -19.07 15.29 -0.39
CA LEU E 61 -17.72 15.82 -0.62
C LEU E 61 -17.63 17.33 -0.38
N SER E 62 -18.80 17.97 -0.26
CA SER E 62 -18.88 19.42 -0.03
C SER E 62 -18.86 19.75 1.45
N LEU E 63 -18.89 18.73 2.31
CA LEU E 63 -18.89 18.92 3.74
C LEU E 63 -17.45 19.06 4.19
N GLU E 64 -17.22 19.95 5.14
CA GLU E 64 -15.85 20.25 5.52
C GLU E 64 -15.38 19.18 6.50
N GLY E 65 -14.12 18.80 6.40
CA GLY E 65 -13.58 17.74 7.26
C GLY E 65 -13.49 16.34 6.62
N VAL E 66 -14.17 16.14 5.48
CA VAL E 66 -14.08 14.88 4.73
C VAL E 66 -12.78 14.83 3.92
N GLU E 67 -11.84 13.99 4.37
CA GLU E 67 -10.53 13.89 3.76
C GLU E 67 -10.49 12.93 2.56
N ARG E 68 -11.05 11.74 2.73
CA ARG E 68 -11.11 10.78 1.62
C ARG E 68 -12.47 10.08 1.53
N THR E 69 -12.79 9.61 0.33
CA THR E 69 -14.09 8.99 0.04
C THR E 69 -13.89 7.85 -0.96
N GLU E 70 -14.64 6.78 -0.78
CA GLU E 70 -14.56 5.66 -1.69
C GLU E 70 -15.93 5.01 -1.79
N THR E 71 -16.44 4.88 -3.01
CA THR E 71 -17.77 4.35 -3.27
C THR E 71 -17.67 2.95 -3.88
N LEU E 72 -18.31 2.00 -3.23
CA LEU E 72 -18.38 0.62 -3.70
C LEU E 72 -19.75 0.45 -4.30
N LEU E 73 -19.83 0.53 -5.62
CA LEU E 73 -21.14 0.45 -6.25
C LEU E 73 -21.55 -1.01 -6.47
N ALA E 74 -22.73 -1.38 -5.96
CA ALA E 74 -23.30 -2.72 -6.15
C ALA E 74 -23.90 -2.85 -7.53
N PHE E 75 -23.49 -3.87 -8.28
CA PHE E 75 -24.03 -4.09 -9.64
C PHE E 75 -24.82 -5.38 -9.78
N ARG E 76 -24.81 -6.19 -8.72
CA ARG E 76 -25.63 -7.38 -8.64
C ARG E 76 -25.99 -7.78 -7.21
N ALA E 77 -27.29 -8.02 -7.01
CA ALA E 77 -27.83 -8.43 -5.73
C ALA E 77 -27.91 -9.95 -5.67
N TYR E 78 -27.65 -10.52 -4.49
CA TYR E 78 -27.92 -11.97 -4.29
C TYR E 78 -28.95 -12.14 -3.18
N PRO E 79 -30.24 -12.18 -3.55
CA PRO E 79 -31.34 -12.29 -2.59
C PRO E 79 -31.55 -13.71 -2.06
N ARG E 80 -32.70 -13.93 -1.39
CA ARG E 80 -33.28 -15.26 -1.07
C ARG E 80 -32.46 -16.00 -0.01
N MET F 1 -26.65 5.29 -22.11
CA MET F 1 -25.62 4.26 -21.85
C MET F 1 -24.76 4.68 -20.66
N ILE F 2 -24.37 3.71 -19.83
CA ILE F 2 -23.40 3.94 -18.76
C ILE F 2 -21.99 3.57 -19.25
N THR F 3 -21.01 4.41 -18.93
CA THR F 3 -19.62 4.10 -19.22
C THR F 3 -18.89 3.57 -17.97
N ALA F 4 -17.99 2.60 -18.20
CA ALA F 4 -17.12 2.06 -17.18
C ALA F 4 -15.73 1.87 -17.75
N PHE F 5 -14.73 2.02 -16.89
CA PHE F 5 -13.34 1.73 -17.22
C PHE F 5 -13.00 0.49 -16.41
N VAL F 6 -12.76 -0.63 -17.11
CA VAL F 6 -12.39 -1.89 -16.46
C VAL F 6 -10.89 -2.14 -16.57
N LEU F 7 -10.25 -2.14 -15.42
CA LEU F 7 -8.82 -2.31 -15.33
C LEU F 7 -8.54 -3.80 -15.06
N ILE F 8 -7.74 -4.41 -15.94
CA ILE F 8 -7.46 -5.85 -15.92
C ILE F 8 -5.97 -6.14 -15.74
N ARG F 9 -5.61 -6.82 -14.66
CA ARG F 9 -4.27 -7.36 -14.51
C ARG F 9 -4.28 -8.85 -14.89
N PRO F 10 -3.77 -9.17 -16.10
CA PRO F 10 -3.61 -10.57 -16.52
C PRO F 10 -2.29 -11.16 -16.04
N ARG F 11 -2.26 -12.50 -15.94
CA ARG F 11 -0.99 -13.23 -15.93
C ARG F 11 -0.22 -12.80 -17.17
N GLY F 12 1.08 -12.54 -17.01
CA GLY F 12 1.90 -11.90 -18.05
C GLY F 12 1.92 -12.51 -19.45
N ASN F 13 1.86 -13.84 -19.55
CA ASN F 13 1.80 -14.50 -20.88
C ASN F 13 0.42 -14.51 -21.51
N ARG F 14 -0.56 -14.00 -20.77
CA ARG F 14 -1.95 -13.99 -21.20
C ARG F 14 -2.44 -12.67 -21.74
N VAL F 15 -1.61 -11.64 -21.65
CA VAL F 15 -1.97 -10.26 -22.06
C VAL F 15 -2.70 -10.22 -23.42
N GLN F 16 -2.05 -10.78 -24.45
CA GLN F 16 -2.60 -10.74 -25.80
C GLN F 16 -3.88 -11.56 -25.93
N ALA F 17 -3.80 -12.82 -25.52
CA ALA F 17 -4.97 -13.70 -25.41
C ALA F 17 -6.17 -13.00 -24.75
N LEU F 18 -6.00 -12.62 -23.48
CA LEU F 18 -7.06 -11.84 -22.76
C LEU F 18 -7.50 -10.54 -23.48
N GLY F 19 -6.54 -9.80 -24.01
CA GLY F 19 -6.83 -8.60 -24.77
C GLY F 19 -7.79 -8.86 -25.91
N GLU F 20 -7.49 -9.88 -26.72
CA GLU F 20 -8.28 -10.20 -27.90
C GLU F 20 -9.66 -10.74 -27.56
N ALA F 21 -9.71 -11.57 -26.53
CA ALA F 21 -10.95 -12.10 -25.97
C ALA F 21 -11.89 -11.01 -25.40
N ILE F 22 -11.34 -10.03 -24.67
CA ILE F 22 -12.14 -8.92 -24.07
C ILE F 22 -12.72 -8.06 -25.20
N ALA F 23 -11.96 -7.90 -26.27
CA ALA F 23 -12.44 -7.17 -27.44
C ALA F 23 -13.62 -7.85 -28.15
N GLU F 24 -13.86 -9.13 -27.88
CA GLU F 24 -15.01 -9.83 -28.52
C GLU F 24 -16.34 -9.59 -27.81
N LEU F 25 -16.27 -9.26 -26.52
CA LEU F 25 -17.45 -8.92 -25.69
C LEU F 25 -18.26 -7.72 -26.22
N PRO F 26 -19.60 -7.91 -26.34
CA PRO F 26 -20.49 -6.90 -26.95
C PRO F 26 -20.43 -5.49 -26.33
N GLN F 27 -20.16 -5.40 -25.03
CA GLN F 27 -20.21 -4.13 -24.31
C GLN F 27 -18.91 -3.32 -24.38
N VAL F 28 -17.84 -3.94 -24.87
CA VAL F 28 -16.49 -3.36 -24.94
C VAL F 28 -16.29 -2.57 -26.23
N ALA F 29 -16.22 -1.25 -26.10
CA ALA F 29 -16.04 -0.39 -27.28
C ALA F 29 -14.58 -0.25 -27.66
N GLU F 30 -13.71 -0.30 -26.65
CA GLU F 30 -12.26 -0.12 -26.85
C GLU F 30 -11.58 -0.95 -25.77
N VAL F 31 -10.45 -1.56 -26.10
CA VAL F 31 -9.67 -2.26 -25.10
C VAL F 31 -8.21 -2.17 -25.49
N TYR F 32 -7.35 -1.91 -24.50
CA TYR F 32 -5.97 -1.56 -24.78
C TYR F 32 -5.00 -2.22 -23.87
N SER F 33 -3.82 -2.47 -24.42
CA SER F 33 -2.61 -2.65 -23.65
C SER F 33 -2.12 -1.27 -23.22
N VAL F 34 -1.89 -1.12 -21.91
CA VAL F 34 -1.49 0.16 -21.32
C VAL F 34 -0.26 0.06 -20.40
N THR F 35 0.40 1.20 -20.21
CA THR F 35 1.38 1.35 -19.13
C THR F 35 0.65 1.35 -17.78
N GLY F 36 1.38 1.16 -16.68
CA GLY F 36 0.78 1.20 -15.36
C GLY F 36 0.67 -0.14 -14.70
N PRO F 37 -0.06 -0.21 -13.58
CA PRO F 37 -0.11 -1.45 -12.81
C PRO F 37 -1.13 -2.48 -13.33
N TYR F 38 -1.96 -2.11 -14.31
CA TYR F 38 -2.91 -3.03 -14.92
C TYR F 38 -2.60 -3.05 -16.41
N ASP F 39 -2.34 -4.24 -16.98
CA ASP F 39 -1.88 -4.33 -18.37
C ASP F 39 -2.94 -4.06 -19.40
N LEU F 40 -4.18 -4.30 -19.05
CA LEU F 40 -5.28 -4.04 -19.96
C LEU F 40 -6.30 -3.10 -19.33
N VAL F 41 -6.84 -2.19 -20.15
CA VAL F 41 -7.99 -1.40 -19.77
C VAL F 41 -9.08 -1.66 -20.81
N ALA F 42 -10.30 -1.97 -20.37
CA ALA F 42 -11.43 -1.97 -21.30
C ALA F 42 -12.38 -0.79 -21.10
N LEU F 43 -12.59 0.00 -22.16
CA LEU F 43 -13.66 0.98 -22.20
C LEU F 43 -14.98 0.29 -22.59
N VAL F 44 -15.90 0.22 -21.63
CA VAL F 44 -17.14 -0.53 -21.75
C VAL F 44 -18.34 0.45 -21.80
N ARG F 45 -19.38 0.09 -22.54
CA ARG F 45 -20.62 0.90 -22.59
C ARG F 45 -21.76 0.02 -22.19
N LEU F 46 -22.52 0.46 -21.17
CA LEU F 46 -23.53 -0.40 -20.56
C LEU F 46 -24.97 0.13 -20.67
N LYS F 47 -25.89 -0.76 -20.96
CA LYS F 47 -27.34 -0.45 -20.93
C LYS F 47 -27.80 -0.08 -19.52
N ASP F 48 -27.32 -0.82 -18.51
CA ASP F 48 -27.58 -0.46 -17.11
C ASP F 48 -26.40 -0.90 -16.27
N VAL F 49 -26.46 -0.63 -14.97
CA VAL F 49 -25.40 -1.05 -14.05
C VAL F 49 -25.33 -2.56 -14.01
N GLU F 50 -26.50 -3.20 -14.04
CA GLU F 50 -26.61 -4.63 -13.82
C GLU F 50 -25.87 -5.40 -14.91
N GLU F 51 -25.75 -4.77 -16.08
CA GLU F 51 -25.03 -5.35 -17.21
C GLU F 51 -23.53 -5.52 -16.94
N LEU F 52 -23.03 -4.91 -15.87
CA LEU F 52 -21.64 -5.11 -15.47
C LEU F 52 -21.36 -6.57 -15.13
N ASP F 53 -22.37 -7.27 -14.59
CA ASP F 53 -22.25 -8.70 -14.31
C ASP F 53 -21.94 -9.51 -15.57
N ASP F 54 -22.65 -9.24 -16.65
CA ASP F 54 -22.41 -9.89 -17.93
C ASP F 54 -21.00 -9.65 -18.47
N VAL F 55 -20.48 -8.43 -18.28
CA VAL F 55 -19.14 -8.11 -18.82
C VAL F 55 -17.98 -8.47 -17.92
N VAL F 56 -18.12 -8.22 -16.62
CA VAL F 56 -17.00 -8.45 -15.69
C VAL F 56 -17.04 -9.86 -15.08
N THR F 57 -18.10 -10.18 -14.36
CA THR F 57 -18.21 -11.45 -13.61
C THR F 57 -18.37 -12.69 -14.52
N GLN F 58 -19.21 -12.58 -15.54
CA GLN F 58 -19.42 -13.67 -16.48
C GLN F 58 -18.50 -13.54 -17.67
N GLY F 59 -18.11 -12.31 -18.03
CA GLY F 59 -17.39 -12.06 -19.27
C GLY F 59 -15.87 -12.03 -19.17
N ILE F 60 -15.34 -11.23 -18.24
CA ILE F 60 -13.89 -11.13 -18.07
C ILE F 60 -13.38 -12.14 -17.07
N LEU F 61 -14.04 -12.19 -15.90
CA LEU F 61 -13.53 -12.96 -14.76
C LEU F 61 -13.66 -14.47 -14.97
N SER F 62 -14.46 -14.84 -15.97
CA SER F 62 -14.63 -16.23 -16.35
C SER F 62 -13.45 -16.68 -17.19
N LEU F 63 -12.69 -15.72 -17.71
CA LEU F 63 -11.60 -16.03 -18.64
C LEU F 63 -10.38 -16.55 -17.92
N GLU F 64 -9.62 -17.36 -18.65
CA GLU F 64 -8.42 -17.99 -18.14
C GLU F 64 -7.27 -16.98 -18.03
N GLY F 65 -6.67 -16.87 -16.84
CA GLY F 65 -5.49 -16.05 -16.63
C GLY F 65 -5.64 -14.65 -16.02
N VAL F 66 -6.86 -14.31 -15.57
CA VAL F 66 -7.12 -12.98 -15.01
C VAL F 66 -6.87 -12.95 -13.50
N GLU F 67 -5.83 -12.23 -13.10
CA GLU F 67 -5.49 -12.11 -11.70
C GLU F 67 -6.43 -11.15 -10.91
N ARG F 68 -6.45 -9.87 -11.28
CA ARG F 68 -7.35 -8.87 -10.69
C ARG F 68 -8.05 -8.04 -11.75
N THR F 69 -9.27 -7.62 -11.41
CA THR F 69 -10.04 -6.68 -12.20
C THR F 69 -10.40 -5.49 -11.29
N GLU F 70 -10.46 -4.28 -11.86
CA GLU F 70 -10.96 -3.12 -11.11
C GLU F 70 -11.80 -2.17 -11.96
N THR F 71 -13.11 -2.08 -11.65
CA THR F 71 -14.04 -1.27 -12.45
C THR F 71 -14.23 0.14 -11.89
N LEU F 72 -13.98 1.12 -12.76
CA LEU F 72 -14.24 2.52 -12.49
C LEU F 72 -15.49 2.91 -13.26
N LEU F 73 -16.62 2.96 -12.57
CA LEU F 73 -17.89 3.27 -13.22
C LEU F 73 -18.25 4.76 -13.22
N ALA F 74 -18.55 5.27 -14.41
CA ALA F 74 -18.82 6.69 -14.63
C ALA F 74 -20.27 7.00 -14.31
N PHE F 75 -20.47 7.88 -13.34
CA PHE F 75 -21.84 8.24 -12.99
C PHE F 75 -22.24 9.66 -13.52
N ARG F 76 -21.24 10.50 -13.76
CA ARG F 76 -21.47 11.77 -14.42
C ARG F 76 -20.45 12.13 -15.47
N ALA F 77 -20.94 12.51 -16.66
CA ALA F 77 -20.11 13.08 -17.72
C ALA F 77 -19.98 14.62 -17.62
N TYR F 78 -18.88 15.16 -18.10
CA TYR F 78 -18.70 16.62 -18.22
C TYR F 78 -18.51 16.95 -19.70
N PRO F 79 -19.56 17.47 -20.37
CA PRO F 79 -19.47 17.75 -21.81
C PRO F 79 -18.70 19.03 -22.17
N ARG F 80 -18.69 19.34 -23.47
CA ARG F 80 -18.06 20.52 -24.08
C ARG F 80 -16.75 20.11 -24.75
N MET G 1 12.81 9.72 -30.77
CA MET G 1 12.99 8.43 -30.03
C MET G 1 12.30 8.54 -28.67
N ILE G 2 11.53 7.53 -28.31
CA ILE G 2 10.73 7.54 -27.08
C ILE G 2 11.46 6.64 -26.10
N THR G 3 11.71 7.16 -24.88
CA THR G 3 12.37 6.44 -23.80
C THR G 3 11.33 5.87 -22.85
N ALA G 4 11.62 4.69 -22.26
CA ALA G 4 10.82 4.14 -21.18
C ALA G 4 11.76 3.46 -20.22
N PHE G 5 11.32 3.38 -18.96
CA PHE G 5 12.01 2.62 -17.89
C PHE G 5 11.09 1.48 -17.48
N VAL G 6 11.53 0.25 -17.70
CA VAL G 6 10.71 -0.92 -17.35
C VAL G 6 11.24 -1.53 -16.06
N LEU G 7 10.39 -1.58 -15.06
CA LEU G 7 10.73 -2.07 -13.74
C LEU G 7 10.24 -3.53 -13.61
N ILE G 8 11.14 -4.42 -13.26
CA ILE G 8 10.86 -5.85 -13.39
C ILE G 8 11.11 -6.56 -12.06
N ARG G 9 10.08 -7.24 -11.56
CA ARG G 9 10.25 -8.11 -10.40
C ARG G 9 10.23 -9.55 -10.86
N PRO G 10 11.42 -10.19 -10.87
CA PRO G 10 11.49 -11.59 -11.22
C PRO G 10 11.41 -12.44 -9.97
N ARG G 11 11.31 -13.77 -10.15
CA ARG G 11 11.46 -14.71 -9.05
C ARG G 11 12.92 -14.61 -8.68
N GLY G 12 13.23 -14.69 -7.40
CA GLY G 12 14.60 -14.58 -6.90
C GLY G 12 15.62 -15.22 -7.82
N ASN G 13 15.53 -16.54 -7.94
CA ASN G 13 16.54 -17.36 -8.64
C ASN G 13 16.59 -17.17 -10.15
N ARG G 14 15.89 -16.15 -10.65
CA ARG G 14 15.81 -15.91 -12.09
C ARG G 14 16.41 -14.59 -12.53
N VAL G 15 16.89 -13.81 -11.55
CA VAL G 15 17.35 -12.44 -11.75
C VAL G 15 18.44 -12.38 -12.80
N GLN G 16 19.50 -13.13 -12.54
CA GLN G 16 20.66 -13.17 -13.41
C GLN G 16 20.26 -13.57 -14.84
N ALA G 17 19.60 -14.73 -14.96
CA ALA G 17 19.15 -15.24 -16.25
C ALA G 17 18.29 -14.22 -17.00
N LEU G 18 17.34 -13.63 -16.28
CA LEU G 18 16.46 -12.62 -16.89
C LEU G 18 17.16 -11.32 -17.27
N GLY G 19 18.13 -10.90 -16.47
CA GLY G 19 18.96 -9.74 -16.82
C GLY G 19 19.73 -9.95 -18.11
N GLU G 20 20.36 -11.14 -18.23
CA GLU G 20 21.06 -11.55 -19.47
C GLU G 20 20.12 -11.68 -20.68
N ALA G 21 18.93 -12.25 -20.45
CA ALA G 21 17.89 -12.34 -21.48
C ALA G 21 17.38 -10.98 -21.97
N ILE G 22 17.06 -10.09 -21.01
CA ILE G 22 16.53 -8.77 -21.35
C ILE G 22 17.55 -7.88 -22.06
N ALA G 23 18.83 -8.03 -21.74
CA ALA G 23 19.90 -7.30 -22.43
C ALA G 23 19.95 -7.53 -23.94
N GLU G 24 19.60 -8.75 -24.37
CA GLU G 24 19.65 -9.11 -25.79
C GLU G 24 18.49 -8.57 -26.61
N LEU G 25 17.41 -8.15 -25.95
CA LEU G 25 16.27 -7.60 -26.67
C LEU G 25 16.70 -6.35 -27.42
N PRO G 26 16.30 -6.24 -28.70
CA PRO G 26 16.73 -5.10 -29.52
C PRO G 26 16.64 -3.74 -28.83
N GLN G 27 15.44 -3.32 -28.44
CA GLN G 27 15.18 -1.94 -28.01
C GLN G 27 15.81 -1.57 -26.65
N VAL G 28 16.41 -2.55 -25.98
CA VAL G 28 16.95 -2.41 -24.63
C VAL G 28 18.39 -1.89 -24.61
N ALA G 29 18.53 -0.59 -24.37
CA ALA G 29 19.85 0.05 -24.36
C ALA G 29 20.68 -0.33 -23.14
N GLU G 30 20.03 -0.50 -21.99
CA GLU G 30 20.74 -0.80 -20.73
C GLU G 30 19.82 -1.57 -19.80
N VAL G 31 20.39 -2.48 -19.02
CA VAL G 31 19.66 -3.19 -17.99
C VAL G 31 20.56 -3.46 -16.81
N TYR G 32 19.99 -3.40 -15.61
CA TYR G 32 20.73 -3.49 -14.37
C TYR G 32 19.94 -4.23 -13.33
N SER G 33 20.63 -4.85 -12.38
CA SER G 33 20.04 -5.20 -11.10
C SER G 33 20.13 -3.96 -10.22
N VAL G 34 19.04 -3.61 -9.55
CA VAL G 34 18.98 -2.38 -8.76
C VAL G 34 18.49 -2.68 -7.34
N THR G 35 18.76 -1.75 -6.42
CA THR G 35 18.16 -1.77 -5.08
C THR G 35 16.69 -1.37 -5.19
N GLY G 36 15.92 -1.66 -4.13
CA GLY G 36 14.52 -1.27 -4.10
C GLY G 36 13.50 -2.40 -4.17
N PRO G 37 12.21 -2.04 -4.27
CA PRO G 37 11.15 -3.07 -4.30
C PRO G 37 11.03 -3.78 -5.66
N TYR G 38 11.82 -3.34 -6.65
CA TYR G 38 11.96 -4.02 -7.93
C TYR G 38 13.43 -4.44 -8.05
N ASP G 39 13.70 -5.50 -8.82
CA ASP G 39 15.04 -6.08 -8.91
C ASP G 39 15.82 -5.76 -10.18
N LEU G 40 15.12 -5.56 -11.29
CA LEU G 40 15.76 -5.23 -12.56
C LEU G 40 15.11 -3.99 -13.15
N VAL G 41 15.91 -3.20 -13.87
CA VAL G 41 15.41 -2.06 -14.62
C VAL G 41 16.00 -2.10 -16.01
N ALA G 42 15.15 -2.06 -17.01
CA ALA G 42 15.58 -1.96 -18.36
C ALA G 42 15.27 -0.56 -18.80
N LEU G 43 16.28 0.10 -19.34
CA LEU G 43 16.14 1.36 -20.00
C LEU G 43 15.98 1.00 -21.47
N VAL G 44 14.95 1.56 -22.11
CA VAL G 44 14.49 1.12 -23.42
C VAL G 44 14.33 2.33 -24.32
N ARG G 45 14.72 2.19 -25.59
CA ARG G 45 14.52 3.24 -26.61
C ARG G 45 13.62 2.73 -27.75
N LEU G 46 12.60 3.51 -28.06
CA LEU G 46 11.53 3.11 -28.93
C LEU G 46 11.38 4.12 -30.04
N LYS G 47 11.16 3.65 -31.27
CA LYS G 47 10.78 4.56 -32.36
C LYS G 47 9.31 4.97 -32.29
N ASP G 48 8.48 4.09 -31.75
CA ASP G 48 7.06 4.34 -31.55
C ASP G 48 6.70 3.70 -30.22
N VAL G 49 5.59 4.12 -29.60
CA VAL G 49 5.16 3.51 -28.35
C VAL G 49 4.61 2.09 -28.51
N GLU G 50 4.09 1.74 -29.70
CA GLU G 50 3.57 0.39 -29.99
C GLU G 50 4.61 -0.63 -29.67
N GLU G 51 5.86 -0.21 -29.80
CA GLU G 51 7.02 -1.08 -29.64
C GLU G 51 7.12 -1.68 -28.27
N LEU G 52 6.32 -1.16 -27.34
CA LEU G 52 6.23 -1.74 -26.00
C LEU G 52 5.57 -3.11 -26.08
N ASP G 53 4.84 -3.34 -27.18
CA ASP G 53 4.28 -4.64 -27.52
C ASP G 53 5.43 -5.65 -27.69
N ASP G 54 6.36 -5.32 -28.57
CA ASP G 54 7.53 -6.14 -28.84
C ASP G 54 8.44 -6.31 -27.65
N VAL G 55 8.89 -5.20 -27.06
CA VAL G 55 9.82 -5.27 -25.91
C VAL G 55 9.17 -5.78 -24.61
N VAL G 56 8.02 -5.24 -24.21
CA VAL G 56 7.42 -5.64 -22.92
C VAL G 56 6.48 -6.87 -23.02
N THR G 57 5.40 -6.74 -23.78
CA THR G 57 4.41 -7.81 -23.83
C THR G 57 5.07 -9.11 -24.33
N GLN G 58 5.77 -9.00 -25.46
CA GLN G 58 6.44 -10.14 -26.07
C GLN G 58 7.82 -10.34 -25.47
N GLY G 59 8.72 -9.37 -25.64
CA GLY G 59 10.10 -9.53 -25.19
C GLY G 59 10.24 -9.98 -23.76
N ILE G 60 9.54 -9.30 -22.85
CA ILE G 60 9.80 -9.45 -21.42
C ILE G 60 8.81 -10.34 -20.71
N LEU G 61 7.52 -10.07 -20.91
CA LEU G 61 6.47 -10.79 -20.16
C LEU G 61 6.32 -12.26 -20.54
N SER G 62 6.96 -12.64 -21.63
CA SER G 62 6.96 -14.01 -22.13
C SER G 62 8.16 -14.81 -21.63
N LEU G 63 8.95 -14.20 -20.75
CA LEU G 63 10.09 -14.88 -20.16
C LEU G 63 9.58 -15.49 -18.89
N GLU G 64 10.12 -16.65 -18.51
CA GLU G 64 9.60 -17.35 -17.34
C GLU G 64 10.27 -16.78 -16.10
N GLY G 65 9.51 -16.68 -15.01
CA GLY G 65 10.06 -16.14 -13.77
C GLY G 65 9.79 -14.67 -13.51
N VAL G 66 9.30 -13.94 -14.51
CA VAL G 66 8.92 -12.53 -14.35
C VAL G 66 7.53 -12.39 -13.70
N GLU G 67 7.53 -12.00 -12.43
CA GLU G 67 6.33 -11.93 -11.60
C GLU G 67 5.51 -10.65 -11.76
N ARG G 68 6.17 -9.49 -11.75
CA ARG G 68 5.50 -8.21 -11.98
C ARG G 68 6.36 -7.30 -12.86
N THR G 69 5.70 -6.51 -13.69
CA THR G 69 6.37 -5.52 -14.54
C THR G 69 5.68 -4.16 -14.33
N GLU G 70 6.41 -3.07 -14.54
CA GLU G 70 5.84 -1.72 -14.48
C GLU G 70 6.62 -0.83 -15.43
N THR G 71 5.92 -0.18 -16.35
CA THR G 71 6.58 0.67 -17.34
C THR G 71 6.36 2.15 -17.05
N LEU G 72 7.46 2.88 -16.92
CA LEU G 72 7.42 4.32 -16.73
C LEU G 72 7.73 4.97 -18.05
N LEU G 73 6.71 5.36 -18.79
CA LEU G 73 6.93 5.93 -20.09
C LEU G 73 7.23 7.43 -20.00
N ALA G 74 8.34 7.84 -20.60
CA ALA G 74 8.81 9.22 -20.61
C ALA G 74 8.15 9.94 -21.75
N PHE G 75 7.45 11.03 -21.43
CA PHE G 75 6.72 11.79 -22.47
C PHE G 75 7.28 13.21 -22.65
N ARG G 76 8.32 13.53 -21.89
CA ARG G 76 9.05 14.78 -22.04
C ARG G 76 10.45 14.73 -21.46
N ALA G 77 11.42 15.05 -22.31
CA ALA G 77 12.82 15.13 -21.95
C ALA G 77 13.18 16.54 -21.49
N TYR G 78 14.06 16.64 -20.51
CA TYR G 78 14.62 17.95 -20.14
C TYR G 78 16.11 17.91 -20.38
N PRO G 79 16.54 18.30 -21.59
CA PRO G 79 17.96 18.24 -21.97
C PRO G 79 18.79 19.34 -21.31
N ARG G 80 20.08 19.37 -21.65
CA ARG G 80 21.04 20.46 -21.33
C ARG G 80 21.67 20.32 -19.97
N MET H 1 34.66 1.02 1.73
CA MET H 1 33.84 0.06 2.53
C MET H 1 32.40 0.56 2.67
N ILE H 2 31.52 -0.02 1.84
CA ILE H 2 30.12 0.37 1.76
C ILE H 2 29.25 -0.50 2.68
N THR H 3 28.43 0.15 3.50
CA THR H 3 27.45 -0.52 4.32
C THR H 3 26.11 -0.63 3.60
N ALA H 4 25.42 -1.75 3.83
CA ALA H 4 24.04 -1.95 3.37
C ALA H 4 23.29 -2.77 4.41
N PHE H 5 22.00 -2.51 4.54
CA PHE H 5 21.09 -3.31 5.37
C PHE H 5 20.19 -4.07 4.40
N VAL H 6 20.30 -5.39 4.39
CA VAL H 6 19.43 -6.23 3.56
C VAL H 6 18.23 -6.70 4.39
N LEU H 7 17.05 -6.34 3.92
CA LEU H 7 15.78 -6.70 4.51
C LEU H 7 15.32 -8.00 3.85
N ILE H 8 15.19 -9.08 4.64
CA ILE H 8 14.81 -10.40 4.11
C ILE H 8 13.48 -10.96 4.65
N ARG H 9 12.54 -11.23 3.75
CA ARG H 9 11.35 -12.02 4.08
C ARG H 9 11.55 -13.49 3.71
N PRO H 10 11.70 -14.36 4.72
CA PRO H 10 11.78 -15.79 4.53
C PRO H 10 10.41 -16.45 4.63
N ARG H 11 10.31 -17.72 4.25
CA ARG H 11 9.15 -18.53 4.63
C ARG H 11 9.21 -18.73 6.15
N GLY H 12 8.03 -18.71 6.79
CA GLY H 12 7.92 -18.71 8.25
C GLY H 12 8.74 -19.74 9.01
N ASN H 13 8.76 -20.97 8.51
CA ASN H 13 9.54 -22.06 9.13
C ASN H 13 11.03 -21.96 8.84
N ARG H 14 11.37 -21.34 7.71
CA ARG H 14 12.74 -21.21 7.24
C ARG H 14 13.57 -20.14 7.99
N VAL H 15 12.91 -19.27 8.75
CA VAL H 15 13.57 -18.16 9.45
C VAL H 15 14.87 -18.55 10.18
N GLN H 16 14.80 -19.52 11.08
CA GLN H 16 15.97 -19.94 11.87
C GLN H 16 17.05 -20.63 11.03
N ALA H 17 16.63 -21.36 10.00
CA ALA H 17 17.55 -21.97 9.05
C ALA H 17 18.29 -20.87 8.29
N LEU H 18 17.54 -20.11 7.49
CA LEU H 18 18.08 -19.00 6.68
C LEU H 18 18.91 -18.02 7.51
N GLY H 19 18.40 -17.62 8.67
CA GLY H 19 19.14 -16.76 9.58
C GLY H 19 20.54 -17.24 9.92
N GLU H 20 20.71 -18.57 9.99
CA GLU H 20 22.02 -19.17 10.28
C GLU H 20 22.88 -19.33 9.03
N ALA H 21 22.21 -19.51 7.88
CA ALA H 21 22.86 -19.58 6.57
C ALA H 21 23.18 -18.20 5.98
N ILE H 22 22.55 -17.15 6.51
CA ILE H 22 22.87 -15.78 6.11
C ILE H 22 24.19 -15.36 6.77
N ALA H 23 24.29 -15.58 8.09
CA ALA H 23 25.49 -15.26 8.84
C ALA H 23 26.74 -15.88 8.21
N GLU H 24 26.56 -17.02 7.54
CA GLU H 24 27.67 -17.75 6.92
C GLU H 24 28.06 -17.23 5.55
N LEU H 25 27.68 -15.99 5.27
CA LEU H 25 28.08 -15.33 4.03
C LEU H 25 29.27 -14.41 4.33
N PRO H 26 30.21 -14.28 3.36
CA PRO H 26 31.48 -13.58 3.60
C PRO H 26 31.33 -12.11 3.96
N GLN H 27 30.18 -11.51 3.64
CA GLN H 27 30.01 -10.07 3.76
C GLN H 27 29.11 -9.67 4.93
N VAL H 28 28.54 -10.65 5.62
CA VAL H 28 27.57 -10.40 6.68
C VAL H 28 28.21 -10.15 8.04
N ALA H 29 28.27 -8.86 8.42
CA ALA H 29 28.81 -8.45 9.71
C ALA H 29 27.97 -8.93 10.90
N GLU H 30 26.64 -8.96 10.72
CA GLU H 30 25.69 -9.42 11.74
C GLU H 30 24.26 -9.53 11.21
N VAL H 31 23.68 -10.72 11.25
CA VAL H 31 22.29 -10.92 10.84
C VAL H 31 21.39 -11.18 12.05
N TYR H 32 20.27 -10.48 12.09
CA TYR H 32 19.33 -10.57 13.20
C TYR H 32 17.96 -11.03 12.72
N SER H 33 17.17 -11.51 13.68
CA SER H 33 15.75 -11.70 13.51
C SER H 33 15.09 -10.51 14.17
N VAL H 34 14.20 -9.83 13.45
CA VAL H 34 13.60 -8.58 13.94
C VAL H 34 12.08 -8.53 13.85
N THR H 35 11.49 -7.58 14.57
CA THR H 35 10.07 -7.24 14.42
C THR H 35 9.85 -6.52 13.09
N GLY H 36 8.59 -6.42 12.68
CA GLY H 36 8.23 -5.64 11.51
C GLY H 36 7.85 -6.47 10.29
N PRO H 37 7.77 -5.81 9.11
CA PRO H 37 7.33 -6.38 7.85
C PRO H 37 8.40 -7.25 7.20
N TYR H 38 9.60 -7.30 7.79
CA TYR H 38 10.70 -8.14 7.34
C TYR H 38 11.22 -8.89 8.54
N ASP H 39 11.43 -10.19 8.38
CA ASP H 39 11.74 -11.04 9.52
C ASP H 39 13.22 -11.07 9.85
N LEU H 40 14.06 -11.02 8.82
CA LEU H 40 15.52 -10.98 9.01
C LEU H 40 16.17 -9.70 8.45
N VAL H 41 17.17 -9.21 9.18
CA VAL H 41 18.01 -8.11 8.70
C VAL H 41 19.47 -8.54 8.61
N ALA H 42 20.09 -8.36 7.44
CA ALA H 42 21.54 -8.56 7.27
C ALA H 42 22.31 -7.23 7.15
N LEU H 43 23.10 -6.91 8.17
CA LEU H 43 24.06 -5.78 8.09
C LEU H 43 25.32 -6.26 7.36
N VAL H 44 25.43 -5.81 6.11
CA VAL H 44 26.48 -6.23 5.17
C VAL H 44 27.64 -5.21 5.11
N ARG H 45 28.85 -5.69 4.80
CA ARG H 45 30.01 -4.80 4.59
C ARG H 45 30.62 -5.09 3.23
N LEU H 46 30.74 -4.07 2.40
CA LEU H 46 31.09 -4.28 0.99
C LEU H 46 32.38 -3.56 0.62
N LYS H 47 33.12 -4.15 -0.32
CA LYS H 47 34.33 -3.54 -0.85
C LYS H 47 33.95 -2.50 -1.90
N ASP H 48 32.98 -2.84 -2.73
CA ASP H 48 32.34 -1.90 -3.64
C ASP H 48 30.86 -2.24 -3.81
N VAL H 49 30.19 -1.53 -4.72
CA VAL H 49 28.74 -1.68 -4.90
C VAL H 49 28.41 -2.99 -5.65
N GLU H 50 29.21 -3.31 -6.67
CA GLU H 50 29.03 -4.51 -7.46
C GLU H 50 29.05 -5.79 -6.60
N GLU H 51 29.58 -5.69 -5.39
CA GLU H 51 29.65 -6.82 -4.48
C GLU H 51 28.30 -7.13 -3.82
N LEU H 52 27.28 -6.36 -4.17
CA LEU H 52 25.93 -6.67 -3.72
C LEU H 52 25.40 -7.87 -4.50
N ASP H 53 25.83 -8.00 -5.75
CA ASP H 53 25.52 -9.18 -6.54
C ASP H 53 25.98 -10.45 -5.82
N ASP H 54 27.19 -10.40 -5.26
CA ASP H 54 27.77 -11.52 -4.51
C ASP H 54 26.94 -11.91 -3.28
N VAL H 55 26.60 -10.92 -2.47
CA VAL H 55 25.94 -11.15 -1.19
C VAL H 55 24.41 -11.26 -1.28
N VAL H 56 23.81 -10.67 -2.33
CA VAL H 56 22.35 -10.74 -2.52
C VAL H 56 21.92 -11.72 -3.62
N THR H 57 22.19 -11.39 -4.89
CA THR H 57 21.71 -12.19 -6.02
C THR H 57 22.27 -13.62 -5.99
N GLN H 58 23.59 -13.72 -5.85
CA GLN H 58 24.29 -15.00 -5.82
C GLN H 58 24.44 -15.51 -4.39
N GLY H 59 24.10 -14.68 -3.41
CA GLY H 59 24.18 -15.07 -2.02
C GLY H 59 22.81 -15.43 -1.49
N ILE H 60 22.16 -14.45 -0.87
CA ILE H 60 20.87 -14.62 -0.16
C ILE H 60 19.78 -15.27 -1.00
N LEU H 61 19.65 -14.84 -2.26
CA LEU H 61 18.58 -15.32 -3.14
C LEU H 61 18.87 -16.69 -3.78
N SER H 62 19.99 -17.30 -3.42
CA SER H 62 20.31 -18.65 -3.87
C SER H 62 19.92 -19.68 -2.80
N LEU H 63 19.45 -19.17 -1.65
CA LEU H 63 19.00 -20.02 -0.56
C LEU H 63 17.52 -20.35 -0.67
N GLU H 64 17.18 -21.57 -0.27
CA GLU H 64 15.81 -22.10 -0.39
C GLU H 64 14.84 -21.35 0.53
N GLY H 65 13.78 -20.81 -0.06
CA GLY H 65 12.68 -20.22 0.71
C GLY H 65 12.82 -18.76 1.14
N VAL H 66 13.65 -17.99 0.44
CA VAL H 66 13.67 -16.54 0.64
C VAL H 66 12.67 -15.94 -0.33
N GLU H 67 11.67 -15.29 0.22
CA GLU H 67 10.55 -14.79 -0.57
C GLU H 67 10.85 -13.41 -1.14
N ARG H 68 11.37 -12.53 -0.29
CA ARG H 68 11.66 -11.16 -0.70
C ARG H 68 12.91 -10.60 -0.07
N THR H 69 13.54 -9.70 -0.82
CA THR H 69 14.73 -9.03 -0.36
C THR H 69 14.61 -7.53 -0.69
N GLU H 70 14.99 -6.67 0.27
CA GLU H 70 15.08 -5.22 0.04
C GLU H 70 16.36 -4.62 0.64
N THR H 71 17.21 -4.06 -0.25
CA THR H 71 18.51 -3.53 0.18
C THR H 71 18.52 -2.01 0.32
N LEU H 72 18.76 -1.58 1.55
CA LEU H 72 18.97 -0.19 1.89
C LEU H 72 20.46 0.06 1.93
N LEU H 73 21.02 0.63 0.85
CA LEU H 73 22.47 0.87 0.79
C LEU H 73 22.91 2.25 1.33
N ALA H 74 23.83 2.22 2.30
CA ALA H 74 24.39 3.44 2.89
C ALA H 74 25.42 4.12 1.97
N PHE H 75 25.09 5.34 1.54
CA PHE H 75 25.98 6.13 0.71
C PHE H 75 26.68 7.33 1.42
N ARG H 76 26.17 7.73 2.59
CA ARG H 76 26.87 8.69 3.44
C ARG H 76 26.75 8.28 4.91
N ALA H 77 27.84 8.41 5.66
CA ALA H 77 27.82 8.22 7.11
C ALA H 77 27.70 9.57 7.82
N TYR H 78 27.20 9.54 9.05
CA TYR H 78 27.21 10.71 9.92
C TYR H 78 27.94 10.29 11.19
N PRO H 79 29.22 10.72 11.34
CA PRO H 79 30.02 10.49 12.54
C PRO H 79 29.42 11.16 13.78
N MET I 1 8.89 -7.22 33.13
CA MET I 1 7.98 -7.95 32.20
C MET I 1 7.87 -7.15 30.90
N ILE I 2 7.99 -7.82 29.75
CA ILE I 2 7.84 -7.14 28.45
C ILE I 2 6.60 -7.61 27.68
N THR I 3 5.68 -6.68 27.43
CA THR I 3 4.50 -6.93 26.60
C THR I 3 4.81 -6.84 25.10
N ALA I 4 4.13 -7.68 24.31
CA ALA I 4 4.12 -7.56 22.86
C ALA I 4 2.74 -7.92 22.31
N PHE I 5 2.32 -7.21 21.28
CA PHE I 5 1.08 -7.48 20.58
C PHE I 5 1.43 -8.16 19.27
N VAL I 6 1.05 -9.43 19.13
CA VAL I 6 1.37 -10.16 17.91
C VAL I 6 0.12 -10.28 17.05
N LEU I 7 0.22 -9.76 15.82
CA LEU I 7 -0.85 -9.84 14.84
C LEU I 7 -0.56 -11.00 13.91
N ILE I 8 -1.58 -11.84 13.68
CA ILE I 8 -1.43 -13.06 12.87
C ILE I 8 -2.46 -13.07 11.72
N ARG I 9 -1.99 -13.28 10.50
CA ARG I 9 -2.87 -13.48 9.37
C ARG I 9 -2.84 -14.97 8.98
N PRO I 10 -3.82 -15.77 9.45
CA PRO I 10 -3.81 -17.17 9.08
C PRO I 10 -4.58 -17.39 7.79
N ARG I 11 -4.32 -18.52 7.13
CA ARG I 11 -5.21 -19.03 6.07
C ARG I 11 -6.63 -19.07 6.63
N GLY I 12 -7.60 -18.77 5.76
CA GLY I 12 -9.00 -18.68 6.15
C GLY I 12 -9.52 -19.80 7.06
N ASN I 13 -9.39 -21.04 6.60
CA ASN I 13 -9.95 -22.19 7.31
C ASN I 13 -9.05 -22.70 8.43
N ARG I 14 -8.20 -21.83 8.95
CA ARG I 14 -7.23 -22.21 9.96
C ARG I 14 -7.25 -21.24 11.12
N VAL I 15 -8.16 -20.26 11.05
CA VAL I 15 -8.29 -19.22 12.07
C VAL I 15 -8.49 -19.85 13.44
N GLN I 16 -9.54 -20.68 13.56
CA GLN I 16 -9.89 -21.32 14.85
C GLN I 16 -8.78 -22.23 15.36
N ALA I 17 -8.30 -23.11 14.50
CA ALA I 17 -7.15 -24.00 14.76
C ALA I 17 -5.91 -23.28 15.32
N LEU I 18 -5.55 -22.14 14.72
CA LEU I 18 -4.35 -21.40 15.14
C LEU I 18 -4.59 -20.54 16.37
N GLY I 19 -5.76 -19.94 16.48
CA GLY I 19 -6.12 -19.24 17.71
C GLY I 19 -5.95 -20.15 18.91
N GLU I 20 -6.48 -21.38 18.78
CA GLU I 20 -6.41 -22.38 19.84
C GLU I 20 -4.99 -22.90 20.06
N ALA I 21 -4.22 -23.06 18.98
CA ALA I 21 -2.82 -23.43 19.09
C ALA I 21 -2.01 -22.37 19.87
N ILE I 22 -2.21 -21.09 19.52
CA ILE I 22 -1.48 -19.96 20.10
C ILE I 22 -1.81 -19.75 21.60
N ALA I 23 -3.04 -20.04 21.98
CA ALA I 23 -3.48 -19.91 23.39
C ALA I 23 -2.74 -20.84 24.33
N GLU I 24 -2.26 -21.97 23.80
CA GLU I 24 -1.46 -22.93 24.57
C GLU I 24 -0.10 -22.37 25.01
N LEU I 25 0.62 -21.77 24.07
CA LEU I 25 1.97 -21.20 24.32
C LEU I 25 2.04 -20.41 25.64
N PRO I 26 3.08 -20.68 26.45
CA PRO I 26 3.18 -20.20 27.86
C PRO I 26 3.21 -18.68 28.04
N GLN I 27 3.78 -17.98 27.07
CA GLN I 27 3.94 -16.52 27.14
C GLN I 27 2.67 -15.76 26.75
N VAL I 28 1.79 -16.40 25.97
CA VAL I 28 0.53 -15.80 25.55
C VAL I 28 -0.45 -15.65 26.72
N ALA I 29 -0.82 -14.40 27.03
CA ALA I 29 -1.73 -14.10 28.14
C ALA I 29 -3.18 -14.06 27.68
N GLU I 30 -3.39 -13.46 26.51
CA GLU I 30 -4.69 -13.39 25.86
C GLU I 30 -4.50 -13.53 24.36
N VAL I 31 -5.50 -14.07 23.67
CA VAL I 31 -5.49 -14.13 22.22
C VAL I 31 -6.93 -14.16 21.73
N TYR I 32 -7.19 -13.38 20.69
CA TYR I 32 -8.55 -13.15 20.25
C TYR I 32 -8.67 -13.26 18.74
N SER I 33 -9.90 -13.50 18.28
CA SER I 33 -10.26 -13.33 16.91
C SER I 33 -10.77 -11.89 16.84
N VAL I 34 -10.25 -11.10 15.89
CA VAL I 34 -10.49 -9.65 15.83
C VAL I 34 -10.94 -9.21 14.44
N THR I 35 -11.62 -8.05 14.38
CA THR I 35 -11.93 -7.37 13.11
C THR I 35 -10.62 -6.83 12.52
N GLY I 36 -10.63 -6.52 11.23
CA GLY I 36 -9.47 -5.86 10.65
C GLY I 36 -8.68 -6.67 9.66
N PRO I 37 -7.37 -6.37 9.53
CA PRO I 37 -6.50 -7.03 8.54
C PRO I 37 -5.76 -8.27 9.05
N TYR I 38 -5.74 -8.45 10.36
CA TYR I 38 -5.14 -9.64 10.97
C TYR I 38 -6.18 -10.37 11.80
N ASP I 39 -6.46 -11.62 11.44
CA ASP I 39 -7.57 -12.36 12.02
C ASP I 39 -7.39 -12.65 13.50
N LEU I 40 -6.15 -12.86 13.90
CA LEU I 40 -5.82 -13.15 15.29
C LEU I 40 -4.86 -12.11 15.85
N VAL I 41 -4.99 -11.83 17.15
CA VAL I 41 -4.09 -10.96 17.89
C VAL I 41 -3.77 -11.61 19.23
N ALA I 42 -2.50 -11.95 19.44
CA ALA I 42 -2.06 -12.46 20.72
C ALA I 42 -1.45 -11.36 21.57
N LEU I 43 -1.95 -11.22 22.80
CA LEU I 43 -1.27 -10.41 23.82
C LEU I 43 -0.25 -11.32 24.49
N VAL I 44 1.04 -10.98 24.35
CA VAL I 44 2.14 -11.82 24.83
C VAL I 44 2.89 -11.13 25.97
N ARG I 45 3.26 -11.89 26.99
CA ARG I 45 4.09 -11.37 28.08
C ARG I 45 5.43 -12.09 28.06
N LEU I 46 6.51 -11.34 28.27
CA LEU I 46 7.85 -11.84 28.04
C LEU I 46 8.81 -11.53 29.18
N LYS I 47 9.66 -12.50 29.50
CA LYS I 47 10.78 -12.34 30.42
C LYS I 47 11.70 -11.24 29.85
N ASP I 48 12.21 -11.50 28.64
CA ASP I 48 13.00 -10.53 27.89
C ASP I 48 12.75 -10.70 26.38
N VAL I 49 13.04 -9.65 25.61
CA VAL I 49 12.80 -9.67 24.16
C VAL I 49 13.30 -10.92 23.46
N GLU I 50 14.35 -11.53 24.01
CA GLU I 50 14.91 -12.78 23.51
C GLU I 50 13.86 -13.90 23.44
N GLU I 51 12.94 -13.88 24.40
CA GLU I 51 11.90 -14.91 24.52
C GLU I 51 10.89 -14.86 23.36
N LEU I 52 10.84 -13.72 22.68
CA LEU I 52 9.97 -13.55 21.51
C LEU I 52 10.37 -14.42 20.32
N ASP I 53 11.59 -14.96 20.35
CA ASP I 53 12.01 -15.95 19.35
C ASP I 53 11.26 -17.27 19.58
N ASP I 54 10.99 -17.56 20.85
CA ASP I 54 10.36 -18.82 21.22
C ASP I 54 8.86 -18.78 20.95
N VAL I 55 8.25 -17.62 21.18
CA VAL I 55 6.82 -17.47 20.92
C VAL I 55 6.50 -17.25 19.43
N VAL I 56 7.31 -16.46 18.72
CA VAL I 56 6.98 -16.08 17.35
C VAL I 56 7.57 -17.00 16.26
N THR I 57 8.90 -17.13 16.22
CA THR I 57 9.55 -17.92 15.17
C THR I 57 9.36 -19.43 15.39
N GLN I 58 9.56 -19.86 16.64
CA GLN I 58 9.36 -21.26 17.04
C GLN I 58 7.87 -21.55 17.26
N GLY I 59 7.27 -20.82 18.21
CA GLY I 59 5.89 -21.02 18.61
C GLY I 59 4.84 -20.81 17.53
N ILE I 60 4.73 -19.59 17.02
CA ILE I 60 3.69 -19.26 16.05
C ILE I 60 4.00 -19.69 14.61
N LEU I 61 5.19 -19.32 14.11
CA LEU I 61 5.49 -19.44 12.67
C LEU I 61 5.74 -20.85 12.14
N SER I 62 6.01 -21.78 13.05
CA SER I 62 6.21 -23.19 12.70
C SER I 62 4.92 -23.88 12.25
N LEU I 63 3.79 -23.32 12.70
CA LEU I 63 2.48 -23.91 12.45
C LEU I 63 2.01 -23.68 11.02
N GLU I 64 1.34 -24.69 10.48
CA GLU I 64 0.77 -24.67 9.14
C GLU I 64 -0.31 -23.59 9.00
N GLY I 65 -0.34 -22.91 7.86
CA GLY I 65 -1.39 -21.93 7.58
C GLY I 65 -1.19 -20.50 8.06
N VAL I 66 -0.12 -20.24 8.81
CA VAL I 66 0.25 -18.87 9.18
C VAL I 66 0.92 -18.19 7.99
N GLU I 67 0.19 -17.29 7.34
CA GLU I 67 0.69 -16.54 6.18
C GLU I 67 1.61 -15.38 6.62
N ARG I 68 1.07 -14.46 7.42
CA ARG I 68 1.82 -13.33 7.92
C ARG I 68 1.75 -13.21 9.43
N THR I 69 2.85 -12.76 10.00
CA THR I 69 2.91 -12.27 11.36
C THR I 69 3.27 -10.77 11.32
N GLU I 70 3.05 -10.06 12.42
CA GLU I 70 3.59 -8.71 12.60
C GLU I 70 3.56 -8.32 14.07
N THR I 71 4.74 -8.28 14.69
CA THR I 71 4.84 -8.11 16.13
C THR I 71 5.02 -6.65 16.49
N LEU I 72 4.09 -6.13 17.30
CA LEU I 72 4.16 -4.79 17.85
C LEU I 72 4.66 -4.87 19.28
N LEU I 73 5.98 -4.86 19.46
CA LEU I 73 6.59 -4.91 20.78
C LEU I 73 6.53 -3.58 21.52
N ALA I 74 6.19 -3.64 22.80
CA ALA I 74 6.07 -2.47 23.65
C ALA I 74 7.34 -2.21 24.45
N PHE I 75 7.84 -0.99 24.39
CA PHE I 75 9.08 -0.61 25.08
C PHE I 75 8.84 0.40 26.20
N ARG I 76 7.70 1.07 26.16
CA ARG I 76 7.32 1.98 27.23
C ARG I 76 5.87 1.77 27.63
N ALA I 77 5.64 1.71 28.94
CA ALA I 77 4.31 1.49 29.51
C ALA I 77 3.74 2.77 30.09
N TYR I 78 2.42 2.89 30.02
CA TYR I 78 1.70 3.99 30.66
C TYR I 78 0.76 3.44 31.73
N PRO I 79 1.27 3.33 32.99
CA PRO I 79 0.55 2.78 34.14
C PRO I 79 -0.66 3.60 34.65
N ARG I 80 -1.21 3.14 35.79
CA ARG I 80 -2.54 3.49 36.35
C ARG I 80 -3.67 2.74 35.62
N MET J 1 -29.07 -3.17 17.63
CA MET J 1 -28.77 -4.55 17.08
C MET J 1 -27.65 -4.49 16.04
N ILE J 2 -26.46 -4.92 16.44
CA ILE J 2 -25.17 -4.67 15.74
C ILE J 2 -25.08 -4.97 14.25
N THR J 3 -24.64 -3.96 13.49
CA THR J 3 -24.41 -4.03 12.03
C THR J 3 -22.90 -4.17 11.68
N ALA J 4 -22.62 -4.93 10.62
CA ALA J 4 -21.26 -5.05 10.07
C ALA J 4 -21.34 -5.10 8.56
N PHE J 5 -20.28 -4.66 7.90
CA PHE J 5 -20.16 -4.77 6.44
C PHE J 5 -18.94 -5.67 6.29
N VAL J 6 -19.13 -6.81 5.60
CA VAL J 6 -18.03 -7.74 5.38
C VAL J 6 -17.61 -7.58 3.95
N LEU J 7 -16.35 -7.23 3.74
CA LEU J 7 -15.76 -7.06 2.43
C LEU J 7 -15.04 -8.38 2.05
N ILE J 8 -15.44 -8.95 0.92
CA ILE J 8 -15.00 -10.28 0.54
C ILE J 8 -14.25 -10.23 -0.80
N ARG J 9 -13.03 -10.77 -0.81
CA ARG J 9 -12.26 -10.91 -2.04
C ARG J 9 -12.21 -12.39 -2.43
N PRO J 10 -13.06 -12.82 -3.36
CA PRO J 10 -13.09 -14.20 -3.82
C PRO J 10 -12.12 -14.42 -4.97
N ARG J 11 -12.09 -15.64 -5.50
CA ARG J 11 -11.35 -15.95 -6.71
C ARG J 11 -12.27 -15.57 -7.86
N GLY J 12 -11.75 -14.91 -8.87
CA GLY J 12 -12.58 -14.45 -9.96
C GLY J 12 -13.71 -15.38 -10.33
N ASN J 13 -13.39 -16.65 -10.59
CA ASN J 13 -14.42 -17.59 -11.02
C ASN J 13 -15.19 -18.23 -9.86
N ARG J 14 -15.17 -17.58 -8.70
CA ARG J 14 -16.03 -17.98 -7.57
C ARG J 14 -17.14 -16.96 -7.24
N VAL J 15 -17.08 -15.76 -7.84
CA VAL J 15 -17.90 -14.62 -7.41
C VAL J 15 -19.38 -14.97 -7.30
N GLN J 16 -19.97 -15.47 -8.39
CA GLN J 16 -21.40 -15.83 -8.40
C GLN J 16 -21.79 -16.84 -7.30
N ALA J 17 -20.99 -17.90 -7.15
CA ALA J 17 -21.34 -19.01 -6.25
C ALA J 17 -21.18 -18.59 -4.82
N LEU J 18 -20.09 -17.88 -4.54
CA LEU J 18 -19.84 -17.34 -3.20
C LEU J 18 -20.89 -16.31 -2.75
N GLY J 19 -21.44 -15.56 -3.70
CA GLY J 19 -22.50 -14.58 -3.44
C GLY J 19 -23.82 -15.26 -3.13
N GLU J 20 -24.13 -16.30 -3.90
CA GLU J 20 -25.33 -17.14 -3.68
C GLU J 20 -25.23 -17.92 -2.37
N ALA J 21 -24.05 -18.46 -2.07
CA ALA J 21 -23.82 -19.16 -0.80
C ALA J 21 -23.99 -18.24 0.40
N ILE J 22 -23.35 -17.06 0.34
CA ILE J 22 -23.36 -16.08 1.46
C ILE J 22 -24.75 -15.48 1.72
N ALA J 23 -25.55 -15.31 0.68
CA ALA J 23 -26.94 -14.89 0.86
C ALA J 23 -27.75 -15.78 1.82
N GLU J 24 -27.29 -17.02 2.03
CA GLU J 24 -28.06 -18.02 2.77
C GLU J 24 -27.76 -18.01 4.24
N LEU J 25 -26.67 -17.35 4.60
CA LEU J 25 -26.23 -17.29 5.97
C LEU J 25 -27.19 -16.41 6.80
N PRO J 26 -27.72 -16.96 7.91
CA PRO J 26 -28.86 -16.38 8.62
C PRO J 26 -28.68 -14.90 8.97
N GLN J 27 -27.47 -14.54 9.40
CA GLN J 27 -27.20 -13.19 9.86
C GLN J 27 -26.97 -12.18 8.71
N VAL J 28 -26.92 -12.67 7.47
CA VAL J 28 -26.69 -11.83 6.28
C VAL J 28 -27.98 -11.21 5.71
N ALA J 29 -28.11 -9.91 5.89
CA ALA J 29 -29.27 -9.14 5.40
C ALA J 29 -29.22 -8.91 3.89
N GLU J 30 -28.04 -8.58 3.38
CA GLU J 30 -27.84 -8.20 1.98
C GLU J 30 -26.43 -8.60 1.51
N VAL J 31 -26.33 -9.01 0.26
CA VAL J 31 -25.04 -9.27 -0.34
C VAL J 31 -25.03 -8.91 -1.81
N TYR J 32 -23.92 -8.30 -2.25
CA TYR J 32 -23.81 -7.71 -3.59
C TYR J 32 -22.43 -7.94 -4.15
N SER J 33 -22.38 -8.03 -5.48
CA SER J 33 -21.17 -7.75 -6.25
C SER J 33 -20.99 -6.24 -6.33
N VAL J 34 -19.80 -5.76 -5.97
CA VAL J 34 -19.48 -4.33 -5.95
C VAL J 34 -18.25 -3.98 -6.81
N THR J 35 -18.17 -2.70 -7.22
CA THR J 35 -16.97 -2.16 -7.88
C THR J 35 -15.93 -1.94 -6.78
N GLY J 36 -14.67 -1.76 -7.13
CA GLY J 36 -13.62 -1.53 -6.15
C GLY J 36 -12.67 -2.68 -5.92
N PRO J 37 -11.86 -2.61 -4.85
CA PRO J 37 -10.79 -3.59 -4.63
C PRO J 37 -11.28 -4.90 -3.96
N TYR J 38 -12.54 -4.91 -3.51
CA TYR J 38 -13.19 -6.12 -3.00
C TYR J 38 -14.39 -6.39 -3.89
N ASP J 39 -14.72 -7.67 -4.07
CA ASP J 39 -15.69 -8.05 -5.09
C ASP J 39 -17.10 -8.24 -4.57
N LEU J 40 -17.24 -8.54 -3.28
CA LEU J 40 -18.54 -8.74 -2.69
C LEU J 40 -18.58 -8.07 -1.37
N VAL J 41 -19.78 -7.62 -1.01
CA VAL J 41 -19.99 -7.06 0.33
C VAL J 41 -21.20 -7.73 0.89
N ALA J 42 -21.12 -8.07 2.17
CA ALA J 42 -22.25 -8.64 2.87
C ALA J 42 -22.64 -7.70 3.98
N LEU J 43 -23.91 -7.32 3.97
CA LEU J 43 -24.49 -6.53 5.05
C LEU J 43 -25.12 -7.52 6.04
N VAL J 44 -24.61 -7.49 7.25
CA VAL J 44 -24.85 -8.49 8.26
C VAL J 44 -25.39 -7.87 9.56
N ARG J 45 -26.53 -8.38 10.03
CA ARG J 45 -27.10 -8.00 11.34
C ARG J 45 -26.85 -9.07 12.40
N LEU J 46 -26.18 -8.67 13.47
CA LEU J 46 -25.79 -9.56 14.54
C LEU J 46 -26.59 -9.20 15.79
N LYS J 47 -26.93 -10.21 16.60
CA LYS J 47 -27.51 -9.93 17.91
C LYS J 47 -26.42 -9.66 18.96
N ASP J 48 -25.19 -10.04 18.65
CA ASP J 48 -24.05 -9.91 19.55
C ASP J 48 -22.79 -9.95 18.68
N VAL J 49 -21.66 -9.41 19.15
CA VAL J 49 -20.45 -9.42 18.32
C VAL J 49 -19.79 -10.78 18.17
N GLU J 50 -20.09 -11.74 19.05
CA GLU J 50 -19.49 -13.06 18.96
C GLU J 50 -19.96 -13.70 17.66
N GLU J 51 -21.12 -13.26 17.17
CA GLU J 51 -21.72 -13.86 15.98
C GLU J 51 -20.92 -13.72 14.69
N LEU J 52 -19.87 -12.88 14.69
CA LEU J 52 -18.93 -12.80 13.56
C LEU J 52 -18.15 -14.13 13.45
N ASP J 53 -18.06 -14.84 14.58
CA ASP J 53 -17.52 -16.21 14.61
C ASP J 53 -18.34 -17.14 13.75
N ASP J 54 -19.66 -17.09 13.89
CA ASP J 54 -20.56 -17.92 13.10
C ASP J 54 -20.66 -17.49 11.63
N VAL J 55 -20.89 -16.19 11.40
CA VAL J 55 -21.14 -15.73 10.01
C VAL J 55 -19.86 -15.53 9.20
N VAL J 56 -18.77 -15.06 9.82
CA VAL J 56 -17.50 -14.85 9.07
C VAL J 56 -16.48 -15.99 9.20
N THR J 57 -15.97 -16.23 10.41
CA THR J 57 -14.98 -17.30 10.60
C THR J 57 -15.48 -18.63 9.98
N GLN J 58 -16.77 -18.94 10.20
CA GLN J 58 -17.33 -20.23 9.79
C GLN J 58 -18.14 -20.09 8.53
N GLY J 59 -19.09 -19.17 8.53
CA GLY J 59 -19.94 -19.02 7.36
C GLY J 59 -19.13 -18.70 6.11
N ILE J 60 -18.16 -17.81 6.25
CA ILE J 60 -17.55 -17.24 5.06
C ILE J 60 -16.15 -17.74 4.78
N LEU J 61 -15.33 -17.79 5.81
CA LEU J 61 -13.94 -18.16 5.62
C LEU J 61 -13.73 -19.64 5.36
N SER J 62 -14.80 -20.42 5.53
CA SER J 62 -14.75 -21.87 5.31
C SER J 62 -15.31 -22.18 3.93
N LEU J 63 -15.60 -21.15 3.15
CA LEU J 63 -16.06 -21.35 1.79
C LEU J 63 -14.86 -21.40 0.86
N GLU J 64 -14.95 -22.30 -0.12
CA GLU J 64 -13.85 -22.57 -1.03
C GLU J 64 -13.72 -21.41 -2.01
N GLY J 65 -12.53 -20.83 -2.03
CA GLY J 65 -12.24 -19.77 -2.97
C GLY J 65 -12.38 -18.36 -2.44
N VAL J 66 -12.42 -18.19 -1.11
CA VAL J 66 -12.37 -16.86 -0.51
C VAL J 66 -10.95 -16.58 -0.05
N GLU J 67 -10.40 -15.48 -0.54
CA GLU J 67 -8.99 -15.15 -0.36
C GLU J 67 -8.73 -14.21 0.78
N ARG J 68 -9.64 -13.26 0.97
CA ARG J 68 -9.50 -12.19 1.95
C ARG J 68 -10.84 -11.66 2.37
N THR J 69 -10.90 -11.30 3.64
CA THR J 69 -12.09 -10.87 4.33
C THR J 69 -11.68 -9.59 5.05
N GLU J 70 -12.58 -8.62 5.11
CA GLU J 70 -12.38 -7.49 5.99
C GLU J 70 -13.71 -7.02 6.55
N THR J 71 -13.81 -7.00 7.87
CA THR J 71 -15.06 -6.67 8.52
C THR J 71 -15.00 -5.26 9.10
N LEU J 72 -15.96 -4.45 8.66
CA LEU J 72 -16.08 -3.10 9.17
C LEU J 72 -17.25 -3.16 10.12
N LEU J 73 -16.93 -3.15 11.41
CA LEU J 73 -17.94 -3.29 12.44
C LEU J 73 -18.50 -1.93 12.86
N ALA J 74 -19.79 -1.71 12.61
CA ALA J 74 -20.48 -0.48 13.04
C ALA J 74 -20.64 -0.41 14.56
N PHE J 75 -20.13 0.67 15.15
CA PHE J 75 -20.28 0.85 16.59
C PHE J 75 -21.16 2.03 17.05
N ARG J 76 -21.47 2.96 16.15
CA ARG J 76 -22.51 3.95 16.42
C ARG J 76 -23.35 4.21 15.18
N ALA J 77 -24.67 4.14 15.34
CA ALA J 77 -25.61 4.53 14.29
C ALA J 77 -25.96 6.03 14.28
N TYR J 78 -26.14 6.60 13.09
CA TYR J 78 -26.63 7.98 12.94
C TYR J 78 -27.94 7.94 12.18
N PRO J 79 -29.06 7.84 12.93
CA PRO J 79 -30.40 7.69 12.35
C PRO J 79 -31.02 8.98 11.77
N ARG J 80 -32.01 8.79 10.90
CA ARG J 80 -33.05 9.79 10.54
C ARG J 80 -32.92 10.36 9.14
#